data_9VEB
#
_entry.id   9VEB
#
_cell.length_a   1.00
_cell.length_b   1.00
_cell.length_c   1.00
_cell.angle_alpha   90.00
_cell.angle_beta   90.00
_cell.angle_gamma   90.00
#
_symmetry.space_group_name_H-M   'P 1'
#
_entity_poly.entity_id   1
_entity_poly.type   'polypeptide(L)'
_entity_poly.pdbx_seq_one_letter_code
;MNAIGNFLVGTPVFTIFIALALGYLLGKLKIGSFTLGATVGVLIVALLIGQLGVFPRDTCLGDIFFDFFMFAIGYRVGPS
FISSMKKFGAKIVYATLIFLVSAFIVAYAAFKMFHIGPGIAAGIIAGGLTQSAVIGSSLETISKLPISDHLKTLYSNQIP
IVYTLTYVFGTIGVLIFLRDIMPKLMHIDLKKQAVKTAKELDMIPVPVIVASTHFYTINDGSSLIGQTLGTVNTKFAKGL
VAAGLNDSADMASVINAGDVLAISGGIDEIGRAVQEFNLLEVTGKTKAYVSKQVVLKKNFSADVLKNAQDKGVLVATLAG
DVMDPAQFSTLHHHHHHKPAESVTLVGQKDAVSEVQSQLGRLRAAENIINYSWFALGIALSAALGIVGTKVSGVPIALGG
GTASLIVGLVQSIYRDKHAHMDTIPDSLLEFFQSIGLNLFIATVGLSAAKTFISAIQSMGISVLLIGAVISILPHIITFV
IAYYLMKMEPISIIGAQTGADTLSAALNDVSERVGSDASPFFAAAVAPAYAIGNIFLTLMGPIFIVLLS
;
_entity_poly.pdbx_strand_id   A,B
#
# COMPACT_ATOMS: atom_id res chain seq x y z
N MET A 1 -31.01 19.54 -13.79
CA MET A 1 -29.82 18.96 -13.19
C MET A 1 -30.21 17.92 -12.15
N ASN A 2 -31.51 17.61 -12.14
CA ASN A 2 -32.03 16.66 -11.17
C ASN A 2 -31.50 15.26 -11.41
N ALA A 3 -31.27 14.88 -12.66
CA ALA A 3 -30.68 13.57 -12.94
C ALA A 3 -29.27 13.47 -12.36
N ILE A 4 -28.45 14.50 -12.57
CA ILE A 4 -27.08 14.49 -12.05
C ILE A 4 -27.11 14.46 -10.53
N GLY A 5 -27.96 15.29 -9.93
CA GLY A 5 -28.04 15.31 -8.47
C GLY A 5 -28.50 13.97 -7.90
N ASN A 6 -29.51 13.37 -8.52
CA ASN A 6 -30.02 12.08 -8.04
C ASN A 6 -28.97 10.99 -8.18
N PHE A 7 -28.25 10.95 -9.30
CA PHE A 7 -27.20 9.96 -9.47
C PHE A 7 -26.09 10.13 -8.44
N LEU A 8 -25.69 11.39 -8.20
CA LEU A 8 -24.60 11.64 -7.26
C LEU A 8 -25.00 11.28 -5.84
N VAL A 9 -26.23 11.59 -5.43
CA VAL A 9 -26.63 11.25 -4.07
C VAL A 9 -26.88 9.75 -3.95
N GLY A 10 -27.39 9.11 -5.01
CA GLY A 10 -27.64 7.68 -4.95
C GLY A 10 -26.37 6.86 -4.83
N THR A 11 -25.34 7.22 -5.61
CA THR A 11 -24.08 6.49 -5.53
C THR A 11 -23.10 7.30 -4.69
N PRO A 12 -22.80 6.88 -3.46
CA PRO A 12 -21.87 7.66 -2.63
C PRO A 12 -20.42 7.43 -3.00
N VAL A 13 -20.08 6.19 -3.38
CA VAL A 13 -18.70 5.88 -3.75
C VAL A 13 -18.29 6.70 -4.96
N PHE A 14 -19.17 6.82 -5.95
CA PHE A 14 -18.86 7.59 -7.14
C PHE A 14 -18.57 9.04 -6.79
N THR A 15 -19.38 9.63 -5.91
CA THR A 15 -19.19 11.04 -5.56
C THR A 15 -17.91 11.25 -4.77
N ILE A 16 -17.68 10.43 -3.73
CA ILE A 16 -16.49 10.63 -2.91
C ILE A 16 -15.21 10.23 -3.63
N PHE A 17 -15.29 9.44 -4.70
CA PHE A 17 -14.09 9.09 -5.45
C PHE A 17 -13.97 9.86 -6.76
N ILE A 18 -14.95 10.70 -7.10
CA ILE A 18 -14.79 11.68 -8.17
C ILE A 18 -14.45 13.06 -7.62
N ALA A 19 -14.72 13.31 -6.34
CA ALA A 19 -14.19 14.50 -5.69
C ALA A 19 -12.76 14.32 -5.22
N LEU A 20 -12.30 13.07 -5.13
CA LEU A 20 -10.92 12.75 -4.78
C LEU A 20 -10.03 12.60 -6.00
N ALA A 21 -10.60 12.59 -7.20
CA ALA A 21 -9.82 12.52 -8.44
C ALA A 21 -9.61 13.90 -9.05
N LEU A 22 -10.67 14.70 -9.17
CA LEU A 22 -10.52 16.08 -9.60
C LEU A 22 -9.84 16.93 -8.54
N GLY A 23 -10.01 16.57 -7.26
CA GLY A 23 -9.39 17.33 -6.20
C GLY A 23 -7.87 17.32 -6.27
N TYR A 24 -7.28 16.15 -6.54
CA TYR A 24 -5.83 16.08 -6.65
C TYR A 24 -5.34 16.85 -7.87
N LEU A 25 -6.07 16.79 -8.98
CA LEU A 25 -5.69 17.56 -10.16
C LEU A 25 -5.72 19.06 -9.88
N LEU A 26 -6.74 19.51 -9.15
CA LEU A 26 -6.78 20.92 -8.77
C LEU A 26 -5.65 21.27 -7.80
N GLY A 27 -5.32 20.34 -6.90
CA GLY A 27 -4.24 20.58 -5.96
C GLY A 27 -2.88 20.68 -6.62
N LYS A 28 -2.67 19.94 -7.70
CA LYS A 28 -1.40 20.00 -8.41
C LYS A 28 -1.17 21.34 -9.11
N LEU A 29 -2.20 22.18 -9.20
CA LEU A 29 -2.04 23.51 -9.79
C LEU A 29 -1.04 24.33 -8.98
N LYS A 30 -0.13 24.99 -9.70
CA LYS A 30 0.92 25.81 -9.09
C LYS A 30 0.79 27.23 -9.62
N ILE A 31 0.61 28.19 -8.72
CA ILE A 31 0.54 29.60 -9.06
C ILE A 31 1.73 30.29 -8.41
N GLY A 32 2.62 30.83 -9.23
CA GLY A 32 3.86 31.40 -8.70
C GLY A 32 4.66 30.31 -8.02
N SER A 33 4.97 30.52 -6.75
CA SER A 33 5.65 29.52 -5.93
C SER A 33 4.70 28.84 -4.95
N PHE A 34 3.39 29.04 -5.10
CA PHE A 34 2.40 28.54 -4.16
C PHE A 34 1.60 27.41 -4.80
N THR A 35 1.51 26.28 -4.10
CA THR A 35 0.75 25.12 -4.55
C THR A 35 -0.45 24.93 -3.63
N LEU A 36 -1.62 24.72 -4.22
CA LEU A 36 -2.84 24.58 -3.42
C LEU A 36 -2.76 23.38 -2.48
N GLY A 37 -2.25 22.25 -2.97
CA GLY A 37 -2.14 21.06 -2.17
C GLY A 37 -3.36 20.16 -2.30
N ALA A 38 -3.15 18.88 -1.97
CA ALA A 38 -4.20 17.89 -2.16
C ALA A 38 -5.40 18.18 -1.25
N THR A 39 -5.15 18.49 0.02
CA THR A 39 -6.25 18.69 0.97
C THR A 39 -7.09 19.91 0.61
N VAL A 40 -6.45 21.02 0.22
CA VAL A 40 -7.22 22.20 -0.14
C VAL A 40 -7.92 22.01 -1.48
N GLY A 41 -7.29 21.32 -2.42
CA GLY A 41 -7.96 21.04 -3.68
C GLY A 41 -9.18 20.16 -3.50
N VAL A 42 -9.10 19.18 -2.60
CA VAL A 42 -10.25 18.33 -2.33
C VAL A 42 -11.34 19.09 -1.59
N LEU A 43 -10.97 19.94 -0.62
CA LEU A 43 -11.98 20.73 0.07
C LEU A 43 -12.60 21.80 -0.81
N ILE A 44 -11.94 22.19 -1.88
CA ILE A 44 -12.52 23.15 -2.82
C ILE A 44 -13.41 22.45 -3.84
N VAL A 45 -12.97 21.30 -4.35
CA VAL A 45 -13.76 20.57 -5.34
C VAL A 45 -15.00 19.96 -4.71
N ALA A 46 -14.88 19.46 -3.48
CA ALA A 46 -16.00 18.81 -2.82
C ALA A 46 -17.15 19.78 -2.56
N LEU A 47 -16.83 21.04 -2.24
CA LEU A 47 -17.89 22.01 -2.01
C LEU A 47 -18.68 22.27 -3.30
N LEU A 48 -17.98 22.44 -4.42
CA LEU A 48 -18.65 22.68 -5.68
C LEU A 48 -19.48 21.46 -6.09
N ILE A 49 -18.97 20.26 -5.85
CA ILE A 49 -19.76 19.06 -6.16
C ILE A 49 -20.97 18.97 -5.25
N GLY A 50 -20.81 19.32 -3.98
CA GLY A 50 -21.92 19.28 -3.03
C GLY A 50 -22.96 20.35 -3.25
N GLN A 51 -22.64 21.39 -4.01
CA GLN A 51 -23.67 22.36 -4.37
C GLN A 51 -24.69 21.80 -5.35
N LEU A 52 -24.37 20.69 -6.04
CA LEU A 52 -25.29 20.14 -7.02
C LEU A 52 -26.56 19.60 -6.37
N GLY A 53 -26.42 18.85 -5.28
CA GLY A 53 -27.56 18.29 -4.59
C GLY A 53 -27.30 18.18 -3.10
N VAL A 54 -28.26 17.61 -2.39
CA VAL A 54 -28.13 17.39 -0.96
C VAL A 54 -27.46 16.04 -0.71
N PHE A 55 -26.44 16.04 0.14
CA PHE A 55 -25.68 14.84 0.46
C PHE A 55 -25.70 14.59 1.95
N PRO A 56 -26.21 13.46 2.42
CA PRO A 56 -26.12 13.15 3.85
C PRO A 56 -24.69 12.89 4.28
N ARG A 57 -24.43 13.15 5.56
CA ARG A 57 -23.09 12.93 6.12
C ARG A 57 -22.85 11.44 6.29
N ASP A 58 -21.71 10.98 5.75
CA ASP A 58 -21.34 9.57 5.82
C ASP A 58 -20.26 9.40 6.87
N THR A 59 -20.62 8.77 7.99
CA THR A 59 -19.68 8.47 9.06
C THR A 59 -19.18 7.04 9.03
N CYS A 60 -19.46 6.32 7.95
CA CYS A 60 -19.07 4.91 7.83
C CYS A 60 -17.74 4.73 7.13
N LEU A 61 -17.49 5.47 6.06
CA LEU A 61 -16.21 5.37 5.36
C LEU A 61 -15.22 6.45 5.81
N GLY A 62 -15.72 7.67 6.02
CA GLY A 62 -14.83 8.75 6.40
C GLY A 62 -14.17 8.54 7.75
N ASP A 63 -14.93 8.07 8.73
CA ASP A 63 -14.37 7.86 10.07
C ASP A 63 -13.34 6.74 10.06
N ILE A 64 -13.62 5.65 9.35
CA ILE A 64 -12.66 4.54 9.27
C ILE A 64 -11.40 4.98 8.54
N PHE A 65 -11.54 5.77 7.48
CA PHE A 65 -10.34 6.23 6.78
C PHE A 65 -9.55 7.24 7.61
N PHE A 66 -10.24 8.06 8.41
CA PHE A 66 -9.52 8.93 9.34
C PHE A 66 -8.78 8.12 10.40
N ASP A 67 -9.40 7.04 10.87
CA ASP A 67 -8.71 6.14 11.80
C ASP A 67 -7.47 5.55 11.16
N PHE A 68 -7.59 5.13 9.89
CA PHE A 68 -6.43 4.60 9.17
C PHE A 68 -5.32 5.64 9.05
N PHE A 69 -5.70 6.89 8.74
CA PHE A 69 -4.71 7.96 8.60
C PHE A 69 -3.99 8.23 9.92
N MET A 70 -4.75 8.30 11.01
CA MET A 70 -4.15 8.56 12.31
C MET A 70 -3.24 7.40 12.73
N PHE A 71 -3.66 6.16 12.46
CA PHE A 71 -2.81 5.02 12.77
C PHE A 71 -1.55 5.03 11.92
N ALA A 72 -1.66 5.45 10.66
CA ALA A 72 -0.48 5.53 9.81
C ALA A 72 0.53 6.53 10.36
N ILE A 73 0.05 7.70 10.79
CA ILE A 73 0.96 8.68 11.40
C ILE A 73 1.58 8.12 12.66
N GLY A 74 0.76 7.51 13.53
CA GLY A 74 1.28 6.99 14.79
C GLY A 74 2.30 5.88 14.60
N TYR A 75 2.11 5.06 13.56
CA TYR A 75 3.06 3.99 13.29
C TYR A 75 4.34 4.53 12.66
N ARG A 76 4.23 5.52 11.78
CA ARG A 76 5.41 6.08 11.14
C ARG A 76 6.28 6.84 12.14
N VAL A 77 5.66 7.46 13.15
CA VAL A 77 6.40 8.30 14.10
C VAL A 77 6.81 7.52 15.35
N GLY A 78 6.59 6.21 15.36
CA GLY A 78 6.85 5.40 16.53
C GLY A 78 8.29 5.42 17.04
N PRO A 79 9.25 4.97 16.22
CA PRO A 79 10.61 4.78 16.75
C PRO A 79 11.27 6.04 17.24
N SER A 80 11.03 7.18 16.61
CA SER A 80 11.73 8.41 16.94
C SER A 80 11.01 9.27 17.98
N PHE A 81 9.85 8.81 18.48
CA PHE A 81 9.06 9.64 19.38
C PHE A 81 9.79 9.91 20.68
N ILE A 82 10.40 8.89 21.28
CA ILE A 82 11.08 9.07 22.56
C ILE A 82 12.29 9.97 22.41
N SER A 83 13.07 9.78 21.34
CA SER A 83 14.24 10.61 21.11
C SER A 83 13.84 12.07 20.87
N SER A 84 12.74 12.29 20.15
CA SER A 84 12.28 13.65 19.92
C SER A 84 11.75 14.28 21.21
N MET A 85 11.07 13.49 22.04
CA MET A 85 10.50 14.03 23.27
C MET A 85 11.56 14.34 24.31
N LYS A 86 12.64 13.56 24.34
CA LYS A 86 13.71 13.84 25.29
C LYS A 86 14.36 15.19 25.00
N LYS A 87 14.46 15.56 23.73
CA LYS A 87 15.05 16.84 23.38
C LYS A 87 14.04 17.98 23.52
N PHE A 88 12.88 17.87 22.84
CA PHE A 88 11.87 18.93 22.85
C PHE A 88 10.51 18.29 23.18
N GLY A 89 10.23 18.12 24.47
CA GLY A 89 8.89 17.72 24.88
C GLY A 89 8.24 18.71 25.82
N ALA A 90 9.04 19.30 26.70
CA ALA A 90 8.50 20.28 27.64
C ALA A 90 8.24 21.61 26.97
N LYS A 91 9.07 21.98 26.00
CA LYS A 91 8.80 23.18 25.22
C LYS A 91 7.49 23.04 24.46
N ILE A 92 7.25 21.87 23.86
CA ILE A 92 6.01 21.63 23.13
C ILE A 92 4.81 21.65 24.07
N VAL A 93 4.95 21.03 25.24
CA VAL A 93 3.84 21.04 26.20
C VAL A 93 3.62 22.42 26.82
N TYR A 94 4.62 23.30 26.76
CA TYR A 94 4.45 24.69 27.20
C TYR A 94 3.95 25.60 26.11
N ALA A 95 4.06 25.18 24.84
CA ALA A 95 3.46 25.93 23.73
C ALA A 95 2.04 25.48 23.43
N THR A 96 1.69 24.24 23.78
CA THR A 96 0.30 23.80 23.64
C THR A 96 -0.58 24.44 24.70
N LEU A 97 -0.02 24.74 25.88
CA LEU A 97 -0.75 25.37 26.96
C LEU A 97 -0.79 26.89 26.85
N ILE A 98 -0.11 27.47 25.86
CA ILE A 98 -0.18 28.90 25.59
C ILE A 98 -1.17 29.21 24.48
N PHE A 99 -1.18 28.40 23.43
CA PHE A 99 -2.14 28.59 22.35
C PHE A 99 -3.57 28.45 22.86
N LEU A 100 -3.82 27.46 23.71
CA LEU A 100 -5.19 27.22 24.18
C LEU A 100 -5.68 28.35 25.06
N VAL A 101 -4.84 28.81 26.01
CA VAL A 101 -5.27 29.90 26.87
C VAL A 101 -5.41 31.19 26.08
N SER A 102 -4.53 31.41 25.09
CA SER A 102 -4.65 32.59 24.24
C SER A 102 -5.94 32.55 23.43
N ALA A 103 -6.29 31.38 22.90
CA ALA A 103 -7.55 31.24 22.16
C ALA A 103 -8.74 31.49 23.08
N PHE A 104 -8.69 30.97 24.30
CA PHE A 104 -9.74 31.22 25.27
C PHE A 104 -9.91 32.71 25.52
N ILE A 105 -8.80 33.41 25.77
CA ILE A 105 -8.86 34.84 26.08
C ILE A 105 -9.40 35.62 24.89
N VAL A 106 -8.91 35.33 23.69
CA VAL A 106 -9.33 36.06 22.51
C VAL A 106 -10.81 35.81 22.22
N ALA A 107 -11.24 34.55 22.30
CA ALA A 107 -12.64 34.23 22.05
C ALA A 107 -13.54 34.92 23.06
N TYR A 108 -13.16 34.88 24.34
CA TYR A 108 -13.98 35.54 25.36
C TYR A 108 -14.05 37.04 25.12
N ALA A 109 -12.92 37.66 24.78
CA ALA A 109 -12.93 39.11 24.55
C ALA A 109 -13.80 39.48 23.35
N ALA A 110 -13.67 38.75 22.25
CA ALA A 110 -14.47 39.05 21.06
C ALA A 110 -15.95 38.81 21.33
N PHE A 111 -16.28 37.73 22.04
CA PHE A 111 -17.67 37.39 22.31
C PHE A 111 -18.31 38.43 23.23
N LYS A 112 -17.57 38.91 24.23
CA LYS A 112 -18.10 39.96 25.09
C LYS A 112 -18.23 41.28 24.33
N MET A 113 -17.26 41.59 23.47
CA MET A 113 -17.30 42.86 22.73
C MET A 113 -18.48 42.90 21.77
N PHE A 114 -18.75 41.80 21.09
CA PHE A 114 -19.78 41.77 20.05
C PHE A 114 -21.06 41.05 20.50
N HIS A 115 -21.29 40.96 21.81
CA HIS A 115 -22.49 40.38 22.41
C HIS A 115 -22.93 39.11 21.67
N ILE A 116 -21.99 38.18 21.54
CA ILE A 116 -22.21 36.98 20.73
C ILE A 116 -23.02 35.99 21.57
N GLY A 117 -24.05 35.41 20.96
CA GLY A 117 -24.91 34.48 21.65
C GLY A 117 -24.21 33.17 21.99
N PRO A 118 -24.83 32.36 22.84
CA PRO A 118 -24.15 31.10 23.25
C PRO A 118 -24.01 30.09 22.13
N GLY A 119 -25.07 29.84 21.37
CA GLY A 119 -24.97 28.88 20.27
C GLY A 119 -24.02 29.35 19.19
N ILE A 120 -24.08 30.63 18.84
CA ILE A 120 -23.17 31.16 17.84
C ILE A 120 -21.73 31.10 18.35
N ALA A 121 -21.55 31.35 19.65
CA ALA A 121 -20.20 31.27 20.24
C ALA A 121 -19.65 29.85 20.14
N ALA A 122 -20.48 28.86 20.49
CA ALA A 122 -20.01 27.48 20.44
C ALA A 122 -19.76 27.03 19.00
N GLY A 123 -20.57 27.49 18.05
CA GLY A 123 -20.35 27.14 16.66
C GLY A 123 -19.09 27.78 16.11
N ILE A 124 -18.86 29.05 16.46
CA ILE A 124 -17.65 29.74 16.00
C ILE A 124 -16.41 29.05 16.54
N ILE A 125 -16.43 28.66 17.81
CA ILE A 125 -15.28 27.97 18.37
C ILE A 125 -15.09 26.61 17.71
N ALA A 126 -16.19 25.86 17.54
CA ALA A 126 -16.09 24.54 16.92
C ALA A 126 -15.58 24.62 15.49
N GLY A 127 -15.88 25.70 14.79
CA GLY A 127 -15.43 25.84 13.42
C GLY A 127 -14.02 26.38 13.29
N GLY A 128 -13.73 27.48 13.97
CA GLY A 128 -12.40 28.08 13.85
C GLY A 128 -11.32 27.22 14.45
N LEU A 129 -11.61 26.58 15.59
CA LEU A 129 -10.63 25.71 16.22
C LEU A 129 -10.68 24.29 15.69
N THR A 130 -11.52 24.02 14.69
CA THR A 130 -11.53 22.76 13.95
C THR A 130 -11.70 21.56 14.88
N GLN A 131 -12.69 21.65 15.77
CA GLN A 131 -13.02 20.56 16.70
C GLN A 131 -14.50 20.27 16.56
N SER A 132 -14.83 19.09 16.01
CA SER A 132 -16.22 18.76 15.72
C SER A 132 -16.99 18.36 16.96
N ALA A 133 -16.35 17.67 17.90
CA ALA A 133 -17.04 17.21 19.11
C ALA A 133 -17.57 18.35 19.96
N VAL A 134 -17.08 19.58 19.72
CA VAL A 134 -17.58 20.74 20.45
C VAL A 134 -19.07 20.90 20.22
N ILE A 135 -19.55 20.64 19.00
CA ILE A 135 -20.97 20.79 18.72
C ILE A 135 -21.80 19.82 19.57
N GLY A 136 -21.34 18.58 19.70
CA GLY A 136 -22.06 17.61 20.52
C GLY A 136 -22.04 17.97 22.00
N SER A 137 -20.87 18.36 22.50
CA SER A 137 -20.77 18.75 23.90
C SER A 137 -21.64 19.97 24.18
N SER A 138 -21.64 20.94 23.26
CA SER A 138 -22.47 22.13 23.41
C SER A 138 -23.95 21.78 23.38
N LEU A 139 -24.35 20.84 22.50
CA LEU A 139 -25.74 20.40 22.50
C LEU A 139 -26.12 19.80 23.83
N GLU A 140 -25.26 18.96 24.41
CA GLU A 140 -25.56 18.37 25.71
C GLU A 140 -25.64 19.44 26.79
N THR A 141 -24.73 20.40 26.77
CA THR A 141 -24.71 21.44 27.79
C THR A 141 -25.92 22.36 27.68
N ILE A 142 -26.30 22.75 26.46
CA ILE A 142 -27.48 23.58 26.26
C ILE A 142 -28.74 22.81 26.64
N SER A 143 -28.73 21.48 26.45
CA SER A 143 -29.84 20.67 26.93
C SER A 143 -29.95 20.72 28.44
N LYS A 144 -28.81 20.62 29.14
CA LYS A 144 -28.85 20.67 30.60
C LYS A 144 -29.19 22.08 31.11
N LEU A 145 -28.82 23.11 30.37
CA LEU A 145 -28.94 24.47 30.86
C LEU A 145 -30.41 24.82 31.13
N PRO A 146 -30.71 25.51 32.23
CA PRO A 146 -32.10 25.88 32.56
C PRO A 146 -32.56 27.13 31.81
N ILE A 147 -32.84 26.97 30.53
CA ILE A 147 -33.32 28.04 29.68
C ILE A 147 -34.70 27.63 29.14
N SER A 148 -35.37 28.58 28.48
CA SER A 148 -36.65 28.29 27.85
C SER A 148 -36.47 27.30 26.71
N ASP A 149 -37.52 26.51 26.46
CA ASP A 149 -37.45 25.47 25.44
C ASP A 149 -37.23 26.07 24.06
N HIS A 150 -37.90 27.18 23.75
CA HIS A 150 -37.72 27.82 22.45
C HIS A 150 -36.30 28.32 22.27
N LEU A 151 -35.73 28.93 23.32
CA LEU A 151 -34.35 29.39 23.24
C LEU A 151 -33.38 28.23 23.08
N LYS A 152 -33.62 27.13 23.80
CA LYS A 152 -32.76 25.95 23.66
C LYS A 152 -32.81 25.40 22.25
N THR A 153 -34.02 25.32 21.68
CA THR A 153 -34.14 24.84 20.30
C THR A 153 -33.44 25.79 19.33
N LEU A 154 -33.58 27.10 19.54
CA LEU A 154 -32.92 28.08 18.68
C LEU A 154 -31.41 27.93 18.72
N TYR A 155 -30.85 27.78 19.92
CA TYR A 155 -29.41 27.60 20.04
C TYR A 155 -28.96 26.29 19.40
N SER A 156 -29.70 25.20 19.64
CA SER A 156 -29.35 23.90 19.08
C SER A 156 -29.42 23.91 17.56
N ASN A 157 -30.31 24.72 16.99
CA ASN A 157 -30.34 24.88 15.54
C ASN A 157 -29.23 25.77 15.03
N GLN A 158 -28.87 26.80 15.80
CA GLN A 158 -27.83 27.74 15.37
C GLN A 158 -26.45 27.11 15.36
N ILE A 159 -26.18 26.18 16.29
CA ILE A 159 -24.81 25.64 16.43
C ILE A 159 -24.31 24.98 15.15
N PRO A 160 -25.03 24.04 14.52
CA PRO A 160 -24.47 23.40 13.31
C PRO A 160 -24.23 24.36 12.15
N ILE A 161 -25.12 25.35 11.97
CA ILE A 161 -25.00 26.24 10.82
C ILE A 161 -23.76 27.12 10.94
N VAL A 162 -23.53 27.68 12.13
CA VAL A 162 -22.36 28.53 12.33
C VAL A 162 -21.09 27.71 12.22
N TYR A 163 -21.11 26.47 12.73
CA TYR A 163 -19.97 25.58 12.57
C TYR A 163 -19.66 25.33 11.10
N THR A 164 -20.69 25.06 10.30
CA THR A 164 -20.48 24.79 8.88
C THR A 164 -19.96 26.02 8.16
N LEU A 165 -20.49 27.20 8.50
CA LEU A 165 -20.02 28.43 7.87
C LEU A 165 -18.57 28.72 8.21
N THR A 166 -18.18 28.54 9.47
CA THR A 166 -16.85 28.94 9.90
C THR A 166 -15.79 27.88 9.56
N TYR A 167 -16.19 26.60 9.49
CA TYR A 167 -15.24 25.53 9.24
C TYR A 167 -14.53 25.66 7.90
N VAL A 168 -15.13 26.34 6.92
CA VAL A 168 -14.51 26.47 5.61
C VAL A 168 -13.22 27.28 5.72
N PHE A 169 -13.25 28.40 6.45
CA PHE A 169 -12.06 29.21 6.59
C PHE A 169 -11.08 28.62 7.60
N GLY A 170 -11.59 27.92 8.62
CA GLY A 170 -10.73 27.37 9.64
C GLY A 170 -9.86 26.21 9.19
N THR A 171 -10.05 25.75 7.96
CA THR A 171 -9.21 24.70 7.37
C THR A 171 -8.28 25.21 6.29
N ILE A 172 -8.70 26.21 5.52
CA ILE A 172 -7.87 26.77 4.46
C ILE A 172 -7.01 27.92 4.96
N GLY A 173 -7.62 28.89 5.64
CA GLY A 173 -6.86 30.06 6.06
C GLY A 173 -5.78 29.73 7.08
N VAL A 174 -6.13 28.91 8.08
CA VAL A 174 -5.15 28.54 9.11
C VAL A 174 -4.02 27.72 8.50
N LEU A 175 -4.36 26.79 7.61
CA LEU A 175 -3.34 25.99 6.95
C LEU A 175 -2.40 26.85 6.12
N ILE A 176 -2.96 27.80 5.36
CA ILE A 176 -2.13 28.70 4.57
C ILE A 176 -1.25 29.54 5.47
N PHE A 177 -1.79 30.00 6.59
CA PHE A 177 -1.02 30.83 7.51
C PHE A 177 0.16 30.06 8.09
N LEU A 178 -0.08 28.84 8.58
CA LEU A 178 0.99 28.09 9.23
C LEU A 178 1.84 27.28 8.26
N ARG A 179 1.54 27.32 6.96
CA ARG A 179 2.34 26.59 5.99
C ARG A 179 3.09 27.48 5.01
N ASP A 180 2.58 28.66 4.68
CA ASP A 180 3.24 29.54 3.71
C ASP A 180 3.66 30.86 4.33
N ILE A 181 2.74 31.57 4.99
CA ILE A 181 3.08 32.85 5.59
C ILE A 181 4.03 32.67 6.76
N MET A 182 3.85 31.61 7.55
CA MET A 182 4.66 31.42 8.75
C MET A 182 6.14 31.21 8.44
N PRO A 183 6.54 30.30 7.54
CA PRO A 183 7.98 30.17 7.25
C PRO A 183 8.61 31.45 6.75
N LYS A 184 7.89 32.21 5.93
CA LYS A 184 8.40 33.50 5.46
C LYS A 184 8.55 34.49 6.62
N LEU A 185 7.59 34.49 7.54
CA LEU A 185 7.69 35.38 8.69
C LEU A 185 8.83 34.99 9.61
N MET A 186 9.19 33.71 9.64
CA MET A 186 10.29 33.24 10.48
C MET A 186 11.62 33.24 9.75
N HIS A 187 11.67 33.76 8.52
CA HIS A 187 12.90 33.89 7.75
C HIS A 187 13.61 32.55 7.55
N ILE A 188 12.84 31.47 7.44
CA ILE A 188 13.38 30.14 7.20
C ILE A 188 12.56 29.48 6.10
N ASP A 189 13.19 28.50 5.45
CA ASP A 189 12.51 27.62 4.52
C ASP A 189 12.07 26.38 5.27
N LEU A 190 10.83 25.93 5.04
CA LEU A 190 10.32 24.78 5.78
C LEU A 190 11.17 23.55 5.54
N LYS A 191 11.45 23.24 4.28
CA LYS A 191 12.25 22.06 3.95
C LYS A 191 13.64 22.15 4.56
N LYS A 192 14.31 23.29 4.37
CA LYS A 192 15.69 23.43 4.84
C LYS A 192 15.76 23.35 6.35
N GLN A 193 14.87 24.06 7.05
CA GLN A 193 14.89 24.05 8.50
C GLN A 193 14.56 22.68 9.06
N ALA A 194 13.57 22.00 8.48
CA ALA A 194 13.24 20.65 8.94
C ALA A 194 14.39 19.69 8.73
N VAL A 195 15.05 19.77 7.56
CA VAL A 195 16.19 18.90 7.29
C VAL A 195 17.33 19.18 8.26
N LYS A 196 17.60 20.45 8.54
CA LYS A 196 18.66 20.80 9.47
C LYS A 196 18.36 20.32 10.88
N THR A 197 17.11 20.47 11.32
CA THR A 197 16.74 20.02 12.65
C THR A 197 16.82 18.49 12.75
N ALA A 198 16.42 17.79 11.69
CA ALA A 198 16.54 16.33 11.67
C ALA A 198 18.02 15.91 11.66
N LYS A 199 18.87 16.67 10.98
CA LYS A 199 20.31 16.37 10.98
C LYS A 199 20.93 16.62 12.34
N GLU A 200 20.40 17.59 13.10
CA GLU A 200 20.88 17.81 14.46
C GLU A 200 20.71 16.55 15.31
N LEU A 201 19.66 15.78 15.07
CA LEU A 201 19.47 14.47 15.67
C LEU A 201 19.97 13.40 14.70
N ASP A 202 19.94 12.14 15.18
CA ASP A 202 20.37 11.02 14.36
C ASP A 202 19.14 10.43 13.65
N MET A 203 18.73 11.10 12.58
CA MET A 203 17.62 10.66 11.76
C MET A 203 18.04 10.32 10.34
N ILE A 204 18.76 11.25 9.68
CA ILE A 204 19.11 11.03 8.25
C ILE A 204 20.63 10.77 8.13
N PRO A 205 21.09 9.50 8.12
CA PRO A 205 22.50 9.22 7.93
C PRO A 205 22.88 9.44 6.48
N VAL A 206 24.15 9.75 6.23
CA VAL A 206 24.64 9.93 4.82
C VAL A 206 24.62 8.56 4.12
N PRO A 207 24.47 8.48 2.78
CA PRO A 207 24.52 7.20 2.09
C PRO A 207 25.86 6.56 2.39
N VAL A 208 25.86 5.25 2.67
CA VAL A 208 27.13 4.57 3.06
C VAL A 208 27.56 3.58 1.97
N ILE A 209 28.86 3.39 1.79
CA ILE A 209 29.34 2.41 0.83
C ILE A 209 28.90 1.01 1.29
N VAL A 210 27.97 0.41 0.55
CA VAL A 210 27.49 -0.91 0.89
C VAL A 210 28.59 -1.93 0.60
N ALA A 211 28.75 -2.90 1.50
CA ALA A 211 29.77 -3.93 1.38
C ALA A 211 29.14 -5.18 0.78
N SER A 212 29.67 -5.63 -0.35
CA SER A 212 29.05 -6.74 -1.07
C SER A 212 30.08 -7.80 -1.43
N THR A 213 29.67 -8.81 -2.20
CA THR A 213 30.55 -9.90 -2.61
C THR A 213 30.76 -9.85 -4.11
N HIS A 214 32.02 -9.89 -4.53
CA HIS A 214 32.40 -9.92 -5.93
C HIS A 214 33.06 -11.26 -6.23
N PHE A 215 32.64 -11.90 -7.33
CA PHE A 215 33.05 -13.26 -7.64
C PHE A 215 34.21 -13.22 -8.63
N TYR A 216 35.40 -12.94 -8.11
CA TYR A 216 36.59 -12.87 -8.93
C TYR A 216 37.05 -14.28 -9.33
N THR A 217 37.59 -14.40 -10.52
CA THR A 217 38.07 -15.68 -11.04
C THR A 217 39.59 -15.66 -11.08
N ILE A 218 40.21 -16.67 -10.48
CA ILE A 218 41.66 -16.76 -10.43
C ILE A 218 42.19 -17.23 -11.78
N ASN A 219 43.12 -16.48 -12.34
CA ASN A 219 43.78 -16.85 -13.59
C ASN A 219 45.13 -17.49 -13.29
N ASP A 220 45.62 -18.24 -14.27
CA ASP A 220 46.88 -18.94 -14.09
C ASP A 220 48.03 -17.96 -13.95
N GLY A 221 49.00 -18.30 -13.10
CA GLY A 221 50.13 -17.45 -12.84
C GLY A 221 49.96 -16.46 -11.70
N SER A 222 48.77 -16.38 -11.12
CA SER A 222 48.54 -15.45 -10.02
C SER A 222 49.28 -15.90 -8.77
N SER A 223 49.73 -14.91 -7.98
CA SER A 223 50.42 -15.21 -6.73
C SER A 223 49.52 -15.89 -5.72
N LEU A 224 48.20 -15.73 -5.84
CA LEU A 224 47.28 -16.41 -4.94
C LEU A 224 47.26 -17.91 -5.14
N ILE A 225 47.73 -18.39 -6.29
CA ILE A 225 47.76 -19.83 -6.56
C ILE A 225 48.82 -20.48 -5.66
N GLY A 226 48.45 -21.61 -5.07
CA GLY A 226 49.33 -22.31 -4.16
C GLY A 226 49.24 -21.91 -2.71
N GLN A 227 48.28 -21.05 -2.36
CA GLN A 227 48.07 -20.62 -0.99
C GLN A 227 46.65 -20.95 -0.55
N THR A 228 46.50 -21.25 0.74
CA THR A 228 45.21 -21.64 1.28
C THR A 228 44.28 -20.43 1.37
N LEU A 229 42.98 -20.73 1.38
CA LEU A 229 41.98 -19.67 1.52
C LEU A 229 42.12 -18.96 2.85
N GLY A 230 42.40 -19.70 3.92
CA GLY A 230 42.64 -19.06 5.21
C GLY A 230 43.85 -18.14 5.19
N THR A 231 44.92 -18.58 4.53
CA THR A 231 46.11 -17.74 4.42
C THR A 231 45.81 -16.45 3.67
N VAL A 232 45.06 -16.54 2.57
CA VAL A 232 44.72 -15.34 1.80
C VAL A 232 43.79 -14.43 2.61
N ASN A 233 42.84 -15.02 3.32
CA ASN A 233 41.92 -14.23 4.14
C ASN A 233 42.67 -13.49 5.24
N THR A 234 43.65 -14.15 5.87
CA THR A 234 44.46 -13.48 6.87
C THR A 234 45.34 -12.40 6.26
N LYS A 235 45.85 -12.63 5.04
CA LYS A 235 46.67 -11.63 4.40
C LYS A 235 45.87 -10.40 3.98
N PHE A 236 44.58 -10.57 3.72
CA PHE A 236 43.74 -9.43 3.37
C PHE A 236 43.53 -8.52 4.59
N ALA A 237 43.44 -7.22 4.32
CA ALA A 237 43.26 -6.23 5.37
C ALA A 237 41.80 -6.21 5.83
N LYS A 238 41.50 -5.30 6.76
CA LYS A 238 40.15 -5.16 7.27
C LYS A 238 39.21 -4.72 6.16
N GLY A 239 37.99 -5.25 6.17
CA GLY A 239 37.04 -4.95 5.13
C GLY A 239 37.18 -5.80 3.88
N LEU A 240 38.01 -6.84 3.90
CA LEU A 240 38.17 -7.74 2.77
C LEU A 240 38.21 -9.16 3.32
N VAL A 241 37.10 -9.88 3.21
CA VAL A 241 37.02 -11.26 3.68
C VAL A 241 36.84 -12.18 2.49
N ALA A 242 37.62 -13.26 2.46
CA ALA A 242 37.49 -14.27 1.42
C ALA A 242 36.35 -15.20 1.81
N ALA A 243 35.26 -15.16 1.04
CA ALA A 243 34.06 -15.92 1.41
C ALA A 243 34.10 -17.38 0.97
N GLY A 244 35.15 -17.80 0.27
CA GLY A 244 35.31 -19.21 -0.05
C GLY A 244 35.52 -19.53 -1.51
N LEU A 245 36.45 -20.43 -1.79
CA LEU A 245 36.66 -20.90 -3.15
C LEU A 245 35.47 -21.72 -3.63
N ASN A 246 35.11 -21.55 -4.90
CA ASN A 246 33.96 -22.22 -5.52
C ASN A 246 32.73 -21.92 -4.67
N ASP A 247 31.99 -22.92 -4.20
CA ASP A 247 30.82 -22.71 -3.35
C ASP A 247 31.04 -23.23 -1.94
N SER A 248 32.29 -23.50 -1.56
CA SER A 248 32.61 -24.06 -0.26
C SER A 248 33.35 -23.01 0.58
N ALA A 249 32.97 -22.90 1.85
CA ALA A 249 33.54 -21.93 2.77
C ALA A 249 34.63 -22.51 3.65
N ASP A 250 35.09 -23.73 3.35
CA ASP A 250 36.15 -24.33 4.16
C ASP A 250 37.44 -23.52 4.08
N MET A 251 38.18 -23.51 5.19
CA MET A 251 39.34 -22.64 5.33
C MET A 251 40.65 -23.30 4.92
N ALA A 252 40.62 -24.57 4.52
CA ALA A 252 41.86 -25.30 4.24
C ALA A 252 42.10 -25.57 2.77
N SER A 253 41.14 -25.29 1.89
CA SER A 253 41.32 -25.54 0.47
C SER A 253 42.36 -24.61 -0.13
N VAL A 254 43.14 -25.14 -1.07
CA VAL A 254 44.16 -24.37 -1.77
C VAL A 254 43.55 -23.74 -3.02
N ILE A 255 44.11 -22.62 -3.45
CA ILE A 255 43.62 -21.90 -4.61
C ILE A 255 44.32 -22.47 -5.84
N ASN A 256 43.64 -23.38 -6.52
CA ASN A 256 44.12 -23.88 -7.80
C ASN A 256 43.52 -23.06 -8.94
N ALA A 257 44.18 -23.14 -10.10
CA ALA A 257 43.76 -22.34 -11.24
C ALA A 257 42.36 -22.74 -11.71
N GLY A 258 41.58 -21.73 -12.10
CA GLY A 258 40.23 -21.96 -12.56
C GLY A 258 39.16 -21.86 -11.48
N ASP A 259 39.52 -21.45 -10.27
CA ASP A 259 38.59 -21.36 -9.16
C ASP A 259 38.13 -19.93 -8.97
N VAL A 260 36.91 -19.78 -8.46
CA VAL A 260 36.37 -18.46 -8.13
C VAL A 260 36.64 -18.17 -6.67
N LEU A 261 37.25 -17.03 -6.40
CA LEU A 261 37.62 -16.58 -5.08
C LEU A 261 36.73 -15.38 -4.73
N ALA A 262 35.54 -15.66 -4.20
CA ALA A 262 34.62 -14.59 -3.84
C ALA A 262 35.22 -13.73 -2.74
N ILE A 263 35.16 -12.43 -2.92
CA ILE A 263 35.72 -11.48 -1.96
C ILE A 263 34.63 -10.50 -1.55
N SER A 264 34.44 -10.35 -0.24
CA SER A 264 33.37 -9.52 0.30
C SER A 264 33.96 -8.35 1.06
N GLY A 265 33.30 -7.20 0.95
CA GLY A 265 33.69 -6.00 1.65
C GLY A 265 33.36 -4.76 0.86
N GLY A 266 34.09 -3.68 1.19
CA GLY A 266 33.86 -2.40 0.56
C GLY A 266 34.45 -2.30 -0.83
N ILE A 267 33.86 -1.39 -1.62
CA ILE A 267 34.19 -1.31 -3.04
C ILE A 267 35.63 -0.83 -3.23
N ASP A 268 36.03 0.21 -2.52
CA ASP A 268 37.37 0.76 -2.72
C ASP A 268 38.46 -0.21 -2.26
N GLU A 269 38.24 -0.86 -1.12
CA GLU A 269 39.21 -1.83 -0.63
C GLU A 269 39.32 -3.03 -1.57
N ILE A 270 38.17 -3.52 -2.06
CA ILE A 270 38.18 -4.60 -3.03
C ILE A 270 38.91 -4.17 -4.31
N GLY A 271 38.71 -2.93 -4.73
CA GLY A 271 39.41 -2.43 -5.90
C GLY A 271 40.92 -2.35 -5.70
N ARG A 272 41.35 -1.95 -4.50
CA ARG A 272 42.78 -1.94 -4.21
C ARG A 272 43.37 -3.35 -4.25
N ALA A 273 42.65 -4.31 -3.67
CA ALA A 273 43.11 -5.70 -3.75
C ALA A 273 43.15 -6.20 -5.19
N VAL A 274 42.17 -5.79 -6.00
CA VAL A 274 42.12 -6.17 -7.40
C VAL A 274 43.33 -5.61 -8.15
N GLN A 275 43.65 -4.34 -7.90
CA GLN A 275 44.83 -3.77 -8.52
C GLN A 275 46.11 -4.45 -8.04
N GLU A 276 46.12 -4.91 -6.79
CA GLU A 276 47.30 -5.58 -6.26
C GLU A 276 47.53 -6.93 -6.93
N PHE A 277 46.49 -7.74 -7.07
CA PHE A 277 46.64 -9.11 -7.54
C PHE A 277 46.25 -9.33 -9.00
N ASN A 278 45.81 -8.28 -9.70
CA ASN A 278 45.42 -8.37 -11.11
C ASN A 278 44.35 -9.44 -11.33
N LEU A 279 43.32 -9.41 -10.48
CA LEU A 279 42.23 -10.38 -10.58
C LEU A 279 41.22 -9.95 -11.64
N LEU A 280 40.55 -10.94 -12.22
CA LEU A 280 39.55 -10.72 -13.26
C LEU A 280 38.15 -10.99 -12.71
N GLU A 281 37.26 -10.02 -12.86
CA GLU A 281 35.93 -10.12 -12.28
C GLU A 281 35.04 -10.92 -13.22
N VAL A 282 34.23 -11.80 -12.63
CA VAL A 282 33.30 -12.65 -13.37
C VAL A 282 31.97 -12.67 -12.63
N THR A 283 30.87 -12.48 -13.36
CA THR A 283 29.53 -12.50 -12.78
C THR A 283 29.14 -13.94 -12.49
N GLY A 284 29.70 -14.48 -11.42
CA GLY A 284 29.45 -15.86 -11.02
C GLY A 284 27.99 -16.17 -10.74
N LYS A 285 27.51 -17.30 -11.25
CA LYS A 285 26.12 -17.72 -11.09
C LYS A 285 26.06 -18.66 -9.89
N THR A 286 25.89 -18.09 -8.70
CA THR A 286 25.82 -18.87 -7.48
C THR A 286 24.80 -18.24 -6.54
N LYS A 287 23.98 -19.09 -5.91
CA LYS A 287 23.00 -18.65 -4.93
C LYS A 287 23.41 -19.01 -3.51
N ALA A 288 24.65 -19.44 -3.30
CA ALA A 288 25.12 -19.87 -2.00
C ALA A 288 25.77 -18.75 -1.20
N TYR A 289 25.82 -17.53 -1.75
CA TYR A 289 26.39 -16.38 -1.07
C TYR A 289 25.29 -15.36 -0.85
N VAL A 290 25.10 -14.94 0.41
CA VAL A 290 23.95 -14.11 0.77
C VAL A 290 24.34 -13.16 1.89
N SER A 291 23.54 -12.10 2.06
CA SER A 291 23.63 -11.18 3.18
C SER A 291 22.35 -11.28 3.99
N LYS A 292 22.49 -11.59 5.27
CA LYS A 292 21.38 -11.69 6.19
C LYS A 292 21.47 -10.60 7.25
N GLN A 293 20.33 -10.24 7.81
CA GLN A 293 20.25 -9.25 8.89
C GLN A 293 19.91 -9.98 10.17
N VAL A 294 20.79 -9.87 11.17
CA VAL A 294 20.66 -10.60 12.42
C VAL A 294 20.44 -9.61 13.55
N VAL A 295 19.33 -9.77 14.26
CA VAL A 295 19.07 -9.04 15.48
C VAL A 295 19.80 -9.75 16.61
N LEU A 296 20.70 -9.03 17.27
CA LEU A 296 21.49 -9.59 18.36
C LEU A 296 20.61 -10.02 19.52
N LYS A 297 20.97 -11.12 20.16
CA LYS A 297 20.24 -11.61 21.32
C LYS A 297 20.60 -10.80 22.56
N LYS A 298 19.95 -11.14 23.68
CA LYS A 298 20.17 -10.41 24.92
C LYS A 298 21.58 -10.59 25.46
N ASN A 299 22.24 -11.71 25.13
CA ASN A 299 23.58 -12.03 25.61
C ASN A 299 24.48 -12.39 24.44
N PHE A 300 24.46 -11.58 23.40
CA PHE A 300 25.31 -11.82 22.24
C PHE A 300 26.78 -11.80 22.65
N SER A 301 27.52 -12.79 22.15
CA SER A 301 28.93 -12.94 22.52
C SER A 301 29.81 -12.07 21.64
N ALA A 302 30.77 -11.40 22.28
CA ALA A 302 31.71 -10.58 21.52
C ALA A 302 32.73 -11.45 20.79
N ASP A 303 33.04 -12.63 21.32
CA ASP A 303 34.05 -13.49 20.71
C ASP A 303 33.60 -13.97 19.33
N VAL A 304 32.35 -14.40 19.20
CA VAL A 304 31.87 -14.89 17.91
C VAL A 304 31.77 -13.74 16.90
N LEU A 305 31.38 -12.56 17.37
CA LEU A 305 31.34 -11.40 16.49
C LEU A 305 32.74 -11.03 16.00
N LYS A 306 33.74 -11.15 16.88
CA LYS A 306 35.12 -10.86 16.49
C LYS A 306 35.65 -11.90 15.52
N ASN A 307 35.32 -13.18 15.74
CA ASN A 307 35.88 -14.27 14.96
C ASN A 307 35.02 -14.63 13.76
N ALA A 308 33.93 -13.92 13.50
CA ALA A 308 33.18 -14.14 12.27
C ALA A 308 34.03 -13.88 11.04
N GLN A 309 34.95 -12.90 11.12
CA GLN A 309 35.87 -12.65 10.02
C GLN A 309 36.76 -13.85 9.77
N ASP A 310 37.27 -14.47 10.84
CA ASP A 310 38.08 -15.67 10.69
C ASP A 310 37.26 -16.82 10.13
N LYS A 311 36.00 -16.95 10.56
CA LYS A 311 35.14 -18.01 10.04
C LYS A 311 34.81 -17.79 8.57
N GLY A 312 34.83 -16.55 8.11
CA GLY A 312 34.56 -16.24 6.72
C GLY A 312 33.32 -15.41 6.46
N VAL A 313 32.84 -14.64 7.43
CA VAL A 313 31.64 -13.83 7.28
C VAL A 313 32.00 -12.39 7.62
N LEU A 314 31.60 -11.46 6.74
CA LEU A 314 31.80 -10.04 6.99
C LEU A 314 30.65 -9.50 7.82
N VAL A 315 30.98 -8.84 8.93
CA VAL A 315 30.00 -8.20 9.80
C VAL A 315 29.94 -6.72 9.45
N ALA A 316 28.73 -6.18 9.39
CA ALA A 316 28.53 -4.80 9.00
C ALA A 316 27.34 -4.23 9.77
N THR A 317 27.21 -2.91 9.73
CA THR A 317 26.04 -2.27 10.33
C THR A 317 24.81 -2.55 9.48
N LEU A 318 23.64 -2.19 10.02
CA LEU A 318 22.39 -2.43 9.31
C LEU A 318 22.33 -1.65 8.00
N ALA A 319 23.00 -0.51 7.93
CA ALA A 319 23.02 0.27 6.70
C ALA A 319 23.70 -0.50 5.57
N GLY A 320 24.80 -1.18 5.87
CA GLY A 320 25.50 -1.97 4.88
C GLY A 320 27.00 -1.78 4.90
N ASP A 321 27.47 -0.67 5.48
CA ASP A 321 28.89 -0.39 5.53
C ASP A 321 29.58 -1.25 6.57
N VAL A 322 30.81 -1.67 6.25
CA VAL A 322 31.58 -2.49 7.17
C VAL A 322 31.94 -1.66 8.41
N MET A 323 32.01 -2.33 9.55
CA MET A 323 32.25 -1.67 10.83
C MET A 323 33.61 -2.07 11.39
N ASP A 324 34.19 -1.17 12.18
CA ASP A 324 35.51 -1.40 12.76
C ASP A 324 35.42 -2.47 13.85
N PRO A 325 36.46 -3.31 13.98
CA PRO A 325 36.43 -4.34 15.03
C PRO A 325 36.30 -3.78 16.44
N ALA A 326 36.84 -2.59 16.70
CA ALA A 326 36.70 -1.99 18.02
C ALA A 326 35.24 -1.68 18.34
N GLN A 327 34.41 -1.52 17.30
CA GLN A 327 32.98 -1.31 17.52
C GLN A 327 32.28 -2.57 18.02
N PHE A 328 32.93 -3.74 17.89
CA PHE A 328 32.28 -4.98 18.30
C PHE A 328 31.92 -4.97 19.78
N SER A 329 32.84 -4.51 20.63
CA SER A 329 32.55 -4.43 22.06
C SER A 329 31.49 -3.37 22.36
N THR A 330 31.45 -2.30 21.56
CA THR A 330 30.49 -1.23 21.81
C THR A 330 29.07 -1.63 21.43
N LEU A 331 28.90 -2.71 20.67
CA LEU A 331 27.56 -3.14 20.27
CA LYS A 338 24.56 -3.78 22.51
C LYS A 338 23.42 -4.65 21.99
N PRO A 339 22.72 -5.35 22.89
CA PRO A 339 21.58 -6.16 22.44
C PRO A 339 20.50 -5.30 21.80
N ALA A 340 19.68 -5.95 20.97
CA ALA A 340 18.61 -5.37 20.15
C ALA A 340 19.15 -4.58 18.97
N GLU A 341 20.45 -4.54 18.75
CA GLU A 341 21.03 -3.92 17.56
C GLU A 341 21.15 -4.94 16.45
N SER A 342 20.86 -4.51 15.22
CA SER A 342 20.78 -5.40 14.07
C SER A 342 22.06 -5.31 13.26
N VAL A 343 22.89 -6.35 13.33
CA VAL A 343 24.09 -6.47 12.51
C VAL A 343 23.72 -7.11 11.19
N THR A 344 24.63 -7.07 10.21
CA THR A 344 24.43 -7.71 8.92
C THR A 344 25.61 -8.64 8.66
N LEU A 345 25.32 -9.90 8.38
CA LEU A 345 26.33 -10.92 8.10
C LEU A 345 26.29 -11.23 6.62
N VAL A 346 27.43 -11.07 5.95
CA VAL A 346 27.53 -11.28 4.50
C VAL A 346 28.55 -12.39 4.24
N GLY A 347 28.16 -13.37 3.43
CA GLY A 347 29.12 -14.39 3.05
C GLY A 347 28.43 -15.67 2.62
N GLN A 348 29.18 -16.77 2.72
CA GLN A 348 28.70 -18.08 2.32
C GLN A 348 27.51 -18.51 3.17
N LYS A 349 26.63 -19.32 2.59
CA LYS A 349 25.42 -19.75 3.28
C LYS A 349 25.74 -20.51 4.56
N ASP A 350 26.67 -21.47 4.49
CA ASP A 350 26.97 -22.31 5.64
C ASP A 350 27.57 -21.48 6.77
N ALA A 351 28.45 -20.54 6.44
CA ALA A 351 29.09 -19.73 7.47
C ALA A 351 28.17 -18.64 8.02
N VAL A 352 27.25 -18.13 7.20
CA VAL A 352 26.33 -17.09 7.69
C VAL A 352 25.19 -17.70 8.49
N SER A 353 24.84 -18.97 8.26
CA SER A 353 23.76 -19.60 9.00
C SER A 353 24.20 -20.17 10.34
N GLU A 354 25.49 -20.06 10.68
CA GLU A 354 26.01 -20.50 11.97
C GLU A 354 26.33 -19.34 12.91
N VAL A 355 27.02 -18.31 12.40
CA VAL A 355 27.28 -17.13 13.22
C VAL A 355 25.96 -16.42 13.56
N GLN A 356 25.02 -16.44 12.63
CA GLN A 356 23.67 -15.97 12.94
C GLN A 356 23.03 -16.81 14.03
N SER A 357 23.22 -18.13 13.98
CA SER A 357 22.67 -19.00 15.01
C SER A 357 23.26 -18.70 16.38
N GLN A 358 24.51 -18.27 16.43
CA GLN A 358 25.14 -17.93 17.70
C GLN A 358 25.04 -16.44 18.06
N LEU A 359 24.43 -15.61 17.20
CA LEU A 359 24.36 -14.18 17.46
C LEU A 359 22.95 -13.67 17.75
N GLY A 360 21.92 -14.36 17.32
CA GLY A 360 20.56 -13.88 17.52
C GLY A 360 19.61 -14.52 16.51
N ARG A 361 18.71 -13.69 15.99
CA ARG A 361 17.67 -14.19 15.08
C ARG A 361 17.48 -13.25 13.90
N LEU A 362 17.01 -13.82 12.78
CA LEU A 362 16.89 -13.05 11.56
C LEU A 362 15.85 -11.94 11.69
N ARG A 363 16.19 -10.77 11.16
CA ARG A 363 15.27 -9.64 11.12
C ARG A 363 14.31 -9.77 9.94
N ALA A 364 13.04 -9.44 10.19
CA ALA A 364 12.02 -9.52 9.14
C ALA A 364 12.18 -8.38 8.15
N ALA A 365 12.03 -8.70 6.87
CA ALA A 365 12.17 -7.71 5.82
C ALA A 365 10.98 -6.75 5.81
N GLU A 366 11.20 -5.56 5.26
CA GLU A 366 10.17 -4.53 5.25
C GLU A 366 9.10 -4.79 4.20
N ASN A 367 9.42 -5.51 3.13
CA ASN A 367 8.46 -5.72 2.05
C ASN A 367 7.28 -6.57 2.50
N ILE A 368 7.49 -7.50 3.43
CA ILE A 368 6.40 -8.34 3.91
C ILE A 368 5.47 -7.52 4.78
N ILE A 369 4.16 -7.72 4.60
CA ILE A 369 3.13 -6.97 5.30
C ILE A 369 2.56 -7.84 6.42
N ASN A 370 2.41 -7.27 7.61
CA ASN A 370 1.88 -7.98 8.77
C ASN A 370 0.40 -7.64 8.91
N TYR A 371 -0.44 -8.45 8.26
CA TYR A 371 -1.88 -8.20 8.26
C TYR A 371 -2.46 -8.32 9.65
N SER A 372 -2.02 -9.32 10.43
CA SER A 372 -2.51 -9.48 11.78
C SER A 372 -2.14 -8.28 12.65
N TRP A 373 -0.91 -7.78 12.50
CA TRP A 373 -0.47 -6.61 13.26
C TRP A 373 -1.33 -5.40 12.91
N PHE A 374 -1.56 -5.17 11.61
CA PHE A 374 -2.36 -4.01 11.21
C PHE A 374 -3.80 -4.12 11.72
N ALA A 375 -4.41 -5.31 11.58
CA ALA A 375 -5.78 -5.49 12.01
C ALA A 375 -5.91 -5.33 13.53
N LEU A 376 -4.97 -5.89 14.28
CA LEU A 376 -5.00 -5.73 15.74
C LEU A 376 -4.83 -4.28 16.12
N GLY A 377 -3.97 -3.55 15.42
CA GLY A 377 -3.82 -2.13 15.69
C GLY A 377 -5.11 -1.36 15.48
N ILE A 378 -5.80 -1.64 14.37
CA ILE A 378 -7.07 -0.95 14.10
C ILE A 378 -8.12 -1.30 15.14
N ALA A 379 -8.23 -2.58 15.49
CA ALA A 379 -9.23 -3.01 16.47
C ALA A 379 -8.96 -2.38 17.83
N LEU A 380 -7.71 -2.37 18.27
CA LEU A 380 -7.38 -1.73 19.55
C LEU A 380 -7.60 -0.23 19.49
N SER A 381 -7.37 0.40 18.33
CA SER A 381 -7.65 1.82 18.19
C SER A 381 -9.13 2.11 18.42
N ALA A 382 -10.01 1.30 17.80
CA ALA A 382 -11.43 1.48 18.00
C ALA A 382 -11.84 1.24 19.46
N ALA A 383 -11.32 0.16 20.04
CA ALA A 383 -11.67 -0.17 21.42
C ALA A 383 -11.23 0.91 22.39
N LEU A 384 -10.05 1.49 22.16
CA LEU A 384 -9.56 2.56 23.02
C LEU A 384 -10.32 3.86 22.79
N GLY A 385 -10.73 4.13 21.53
CA GLY A 385 -11.53 5.31 21.27
C GLY A 385 -12.89 5.24 21.91
N ILE A 386 -13.37 4.02 22.18
CA ILE A 386 -14.60 3.88 22.94
C ILE A 386 -14.47 4.48 24.34
N VAL A 387 -13.29 4.35 24.95
CA VAL A 387 -13.10 4.78 26.34
C VAL A 387 -13.36 6.28 26.49
N GLY A 388 -14.03 6.64 27.59
CA GLY A 388 -14.29 8.03 27.89
C GLY A 388 -14.76 8.19 29.32
N THR A 389 -14.90 9.45 29.73
CA THR A 389 -15.34 9.78 31.07
C THR A 389 -15.98 11.16 31.06
N LYS A 390 -16.73 11.47 32.12
CA LYS A 390 -17.42 12.75 32.24
C LYS A 390 -16.78 13.59 33.34
N VAL A 391 -16.56 14.87 33.04
CA VAL A 391 -16.00 15.83 33.99
C VAL A 391 -16.97 16.99 34.09
N SER A 392 -17.47 17.24 35.31
CA SER A 392 -18.40 18.35 35.58
C SER A 392 -19.62 18.28 34.67
N GLY A 393 -20.10 17.07 34.41
CA GLY A 393 -21.26 16.87 33.56
C GLY A 393 -20.99 17.00 32.08
N VAL A 394 -19.74 17.16 31.67
CA VAL A 394 -19.35 17.30 30.27
C VAL A 394 -18.64 16.02 29.87
N PRO A 395 -19.13 15.28 28.87
CA PRO A 395 -18.46 14.06 28.46
C PRO A 395 -17.26 14.34 27.56
N ILE A 396 -16.15 13.66 27.86
CA ILE A 396 -14.94 13.72 27.04
C ILE A 396 -14.49 12.29 26.79
N ALA A 397 -13.73 12.11 25.72
CA ALA A 397 -13.19 10.80 25.38
C ALA A 397 -11.90 11.01 24.61
N LEU A 398 -11.11 9.93 24.53
CA LEU A 398 -9.89 9.99 23.74
C LEU A 398 -10.22 10.28 22.28
N GLY A 399 -11.25 9.65 21.75
CA GLY A 399 -11.64 9.85 20.37
C GLY A 399 -10.77 9.06 19.41
N GLY A 400 -11.24 9.02 18.16
CA GLY A 400 -10.54 8.24 17.16
C GLY A 400 -9.11 8.68 16.96
N GLY A 401 -8.88 9.99 16.86
CA GLY A 401 -7.56 10.52 16.63
C GLY A 401 -6.57 10.16 17.72
N THR A 402 -6.90 10.51 18.97
CA THR A 402 -5.96 10.26 20.06
C THR A 402 -5.78 8.77 20.30
N ALA A 403 -6.86 7.98 20.26
CA ALA A 403 -6.73 6.55 20.50
C ALA A 403 -5.88 5.88 19.43
N SER A 404 -6.12 6.22 18.17
CA SER A 404 -5.35 5.64 17.08
C SER A 404 -3.89 6.08 17.16
N LEU A 405 -3.64 7.34 17.51
CA LEU A 405 -2.27 7.82 17.65
C LEU A 405 -1.53 7.05 18.74
N ILE A 406 -2.17 6.87 19.90
CA ILE A 406 -1.52 6.17 21.00
C ILE A 406 -1.27 4.71 20.64
N VAL A 407 -2.26 4.05 20.02
CA VAL A 407 -2.11 2.65 19.64
C VAL A 407 -0.98 2.49 18.63
N GLY A 408 -0.94 3.37 17.62
CA GLY A 408 0.15 3.31 16.66
C GLY A 408 1.50 3.54 17.30
N LEU A 409 1.59 4.50 18.22
CA LEU A 409 2.86 4.76 18.91
C LEU A 409 3.34 3.52 19.66
N VAL A 410 2.47 2.94 20.49
CA VAL A 410 2.90 1.82 21.31
C VAL A 410 3.19 0.59 20.45
N GLN A 411 2.40 0.38 19.39
CA GLN A 411 2.65 -0.77 18.52
C GLN A 411 3.97 -0.64 17.78
N SER A 412 4.26 0.54 17.24
CA SER A 412 5.52 0.74 16.54
C SER A 412 6.71 0.63 17.49
N ILE A 413 6.56 1.14 18.72
CA ILE A 413 7.64 1.03 19.70
C ILE A 413 7.91 -0.43 20.04
N TYR A 414 6.85 -1.22 20.24
CA TYR A 414 7.02 -2.63 20.54
C TYR A 414 7.68 -3.36 19.37
N ARG A 415 7.24 -3.07 18.14
CA ARG A 415 7.85 -3.72 16.99
C ARG A 415 9.32 -3.34 16.83
N ASP A 416 9.65 -2.08 17.10
CA ASP A 416 11.05 -1.67 17.03
C ASP A 416 11.88 -2.36 18.11
N LYS A 417 11.30 -2.56 19.29
CA LYS A 417 12.03 -3.27 20.35
C LYS A 417 12.27 -4.73 19.98
N HIS A 418 11.25 -5.40 19.44
CA HIS A 418 11.39 -6.79 18.99
C HIS A 418 11.19 -6.83 17.48
N ALA A 419 12.28 -6.84 16.74
CA ALA A 419 12.26 -6.69 15.28
C ALA A 419 12.14 -8.01 14.53
N HIS A 420 12.02 -9.15 15.24
CA HIS A 420 11.91 -10.42 14.54
C HIS A 420 10.56 -10.58 13.84
N MET A 421 9.55 -9.79 14.22
CA MET A 421 8.24 -9.84 13.60
C MET A 421 8.17 -8.85 12.44
N ASP A 422 7.29 -9.15 11.49
CA ASP A 422 7.15 -8.33 10.30
C ASP A 422 6.41 -7.03 10.63
N THR A 423 6.52 -6.06 9.70
CA THR A 423 5.95 -4.74 9.90
C THR A 423 5.24 -4.26 8.65
N ILE A 424 4.33 -3.31 8.83
CA ILE A 424 3.58 -2.73 7.71
C ILE A 424 4.54 -1.85 6.90
N PRO A 425 4.56 -1.97 5.57
CA PRO A 425 5.51 -1.20 4.77
C PRO A 425 5.24 0.30 4.81
N ASP A 426 6.32 1.05 4.61
CA ASP A 426 6.24 2.50 4.65
C ASP A 426 5.46 3.06 3.47
N SER A 427 5.53 2.41 2.30
CA SER A 427 4.72 2.86 1.17
C SER A 427 3.23 2.74 1.48
N LEU A 428 2.83 1.61 2.08
CA LEU A 428 1.44 1.45 2.47
C LEU A 428 1.04 2.46 3.53
N LEU A 429 1.92 2.72 4.50
CA LEU A 429 1.62 3.71 5.52
C LEU A 429 1.45 5.09 4.90
N GLU A 430 2.30 5.46 3.94
CA GLU A 430 2.18 6.75 3.27
C GLU A 430 0.88 6.85 2.48
N PHE A 431 0.52 5.78 1.76
CA PHE A 431 -0.73 5.81 1.00
C PHE A 431 -1.92 5.98 1.92
N PHE A 432 -1.93 5.28 3.05
CA PHE A 432 -3.03 5.43 4.00
C PHE A 432 -3.05 6.83 4.61
N GLN A 433 -1.88 7.36 4.96
CA GLN A 433 -1.81 8.71 5.51
C GLN A 433 -2.35 9.74 4.51
N SER A 434 -2.11 9.52 3.22
CA SER A 434 -2.57 10.47 2.22
C SER A 434 -4.07 10.32 1.97
N ILE A 435 -4.53 9.13 1.62
CA ILE A 435 -5.91 8.96 1.17
C ILE A 435 -6.89 9.01 2.35
N GLY A 436 -6.45 8.62 3.55
CA GLY A 436 -7.36 8.58 4.67
C GLY A 436 -7.87 9.96 5.07
N LEU A 437 -6.96 10.93 5.18
CA LEU A 437 -7.38 12.28 5.54
C LEU A 437 -8.16 12.94 4.40
N ASN A 438 -7.72 12.72 3.16
CA ASN A 438 -8.38 13.36 2.02
C ASN A 438 -9.80 12.84 1.84
N LEU A 439 -10.04 11.55 2.08
CA LEU A 439 -11.39 11.02 1.99
C LEU A 439 -12.28 11.62 3.06
N PHE A 440 -11.77 11.78 4.29
CA PHE A 440 -12.55 12.41 5.34
C PHE A 440 -12.86 13.86 5.00
N ILE A 441 -11.89 14.59 4.44
CA ILE A 441 -12.13 15.97 4.05
C ILE A 441 -13.19 16.03 2.96
N ALA A 442 -13.12 15.13 1.98
CA ALA A 442 -14.12 15.10 0.92
C ALA A 442 -15.50 14.82 1.49
N THR A 443 -15.60 13.86 2.43
CA THR A 443 -16.90 13.52 2.99
C THR A 443 -17.50 14.71 3.75
N VAL A 444 -16.69 15.37 4.58
CA VAL A 444 -17.24 16.49 5.36
C VAL A 444 -17.58 17.67 4.45
N GLY A 445 -16.77 17.91 3.41
CA GLY A 445 -17.07 18.99 2.49
C GLY A 445 -18.33 18.73 1.69
N LEU A 446 -18.53 17.49 1.24
CA LEU A 446 -19.76 17.14 0.55
C LEU A 446 -20.97 17.23 1.48
N SER A 447 -20.78 16.84 2.75
CA SER A 447 -21.87 16.93 3.72
C SER A 447 -22.28 18.38 3.97
N ALA A 448 -21.31 19.29 4.02
CA ALA A 448 -21.61 20.69 4.33
C ALA A 448 -21.16 21.61 3.19
N ALA A 449 -22.01 21.74 2.16
CA ALA A 449 -21.84 22.78 1.16
C ALA A 449 -23.09 23.64 0.98
N LYS A 450 -24.28 23.03 0.95
CA LYS A 450 -25.51 23.80 0.85
C LYS A 450 -25.74 24.63 2.09
N THR A 451 -25.45 24.07 3.27
CA THR A 451 -25.58 24.85 4.49
C THR A 451 -24.59 26.00 4.51
N PHE A 452 -23.39 25.79 3.96
CA PHE A 452 -22.41 26.88 3.85
C PHE A 452 -22.92 28.01 2.96
N ILE A 453 -23.41 27.68 1.77
CA ILE A 453 -23.88 28.74 0.89
C ILE A 453 -25.14 29.41 1.46
N SER A 454 -25.96 28.66 2.19
CA SER A 454 -27.13 29.27 2.84
C SER A 454 -26.71 30.22 3.95
N ALA A 455 -25.72 29.81 4.77
CA ALA A 455 -25.22 30.67 5.84
C ALA A 455 -24.39 31.82 5.31
N ILE A 456 -24.02 31.80 4.03
CA ILE A 456 -23.48 33.02 3.43
C ILE A 456 -24.54 34.12 3.39
N GLN A 457 -25.80 33.74 3.16
CA GLN A 457 -26.86 34.74 3.07
C GLN A 457 -27.25 35.28 4.45
N SER A 458 -27.48 34.38 5.41
CA SER A 458 -27.83 34.78 6.77
C SER A 458 -26.60 34.68 7.66
N MET A 459 -26.37 35.72 8.48
CA MET A 459 -25.17 35.87 9.31
C MET A 459 -23.91 35.64 8.48
N GLY A 460 -23.92 36.18 7.26
CA GLY A 460 -22.90 35.85 6.28
C GLY A 460 -21.52 36.41 6.61
N ILE A 461 -21.45 37.68 6.99
CA ILE A 461 -20.18 38.39 7.07
C ILE A 461 -19.65 38.46 8.51
N SER A 462 -20.51 38.85 9.46
CA SER A 462 -20.05 39.04 10.83
C SER A 462 -19.52 37.75 11.43
N VAL A 463 -20.30 36.66 11.32
CA VAL A 463 -19.89 35.40 11.91
C VAL A 463 -18.64 34.86 11.22
N LEU A 464 -18.58 34.99 9.90
CA LEU A 464 -17.40 34.51 9.16
C LEU A 464 -16.15 35.27 9.58
N LEU A 465 -16.25 36.59 9.72
CA LEU A 465 -15.09 37.38 10.11
C LEU A 465 -14.65 37.08 11.54
N ILE A 466 -15.61 36.95 12.45
CA ILE A 466 -15.25 36.62 13.83
C ILE A 466 -14.62 35.23 13.90
N GLY A 467 -15.14 34.29 13.12
CA GLY A 467 -14.51 32.98 13.08
C GLY A 467 -13.09 33.02 12.56
N ALA A 468 -12.86 33.84 11.52
CA ALA A 468 -11.50 34.02 11.01
C ALA A 468 -10.59 34.62 12.08
N VAL A 469 -11.09 35.60 12.82
CA VAL A 469 -10.28 36.26 13.85
C VAL A 469 -9.91 35.26 14.95
N ILE A 470 -10.90 34.51 15.43
CA ILE A 470 -10.65 33.53 16.49
C ILE A 470 -9.74 32.41 15.98
N SER A 471 -9.77 32.13 14.68
CA SER A 471 -8.91 31.08 14.14
C SER A 471 -7.48 31.54 13.93
N ILE A 472 -7.27 32.81 13.58
CA ILE A 472 -5.95 33.30 13.19
C ILE A 472 -5.20 33.91 14.37
N LEU A 473 -5.86 34.79 15.13
CA LEU A 473 -5.14 35.58 16.14
C LEU A 473 -4.42 34.74 17.18
N PRO A 474 -5.00 33.69 17.77
CA PRO A 474 -4.23 32.90 18.76
C PRO A 474 -2.94 32.34 18.20
N HIS A 475 -2.94 31.92 16.93
CA HIS A 475 -1.71 31.45 16.31
C HIS A 475 -0.65 32.55 16.29
N ILE A 476 -1.05 33.78 15.96
CA ILE A 476 -0.09 34.87 15.86
C ILE A 476 0.55 35.16 17.22
N ILE A 477 -0.27 35.25 18.27
CA ILE A 477 0.26 35.59 19.58
C ILE A 477 1.13 34.46 20.13
N THR A 478 0.70 33.21 19.94
CA THR A 478 1.52 32.10 20.40
C THR A 478 2.83 32.00 19.62
N PHE A 479 2.80 32.32 18.33
CA PHE A 479 4.03 32.37 17.55
C PHE A 479 4.96 33.46 18.05
N VAL A 480 4.43 34.66 18.32
CA VAL A 480 5.27 35.74 18.80
C VAL A 480 5.91 35.36 20.13
N ILE A 481 5.12 34.80 21.04
CA ILE A 481 5.63 34.42 22.35
C ILE A 481 6.70 33.33 22.22
N ALA A 482 6.45 32.34 21.36
CA ALA A 482 7.39 31.22 21.24
C ALA A 482 8.69 31.64 20.57
N TYR A 483 8.60 32.39 19.46
CA TYR A 483 9.79 32.67 18.67
C TYR A 483 10.59 33.84 19.22
N TYR A 484 9.93 34.88 19.73
CA TYR A 484 10.64 36.07 20.17
C TYR A 484 10.98 36.07 21.66
N LEU A 485 10.30 35.26 22.46
CA LEU A 485 10.57 35.19 23.89
C LEU A 485 11.00 33.81 24.35
N MET A 486 10.36 32.76 23.85
CA MET A 486 10.65 31.39 24.28
C MET A 486 11.73 30.72 23.43
N LYS A 487 12.22 31.42 22.40
CA LYS A 487 13.35 30.99 21.56
C LYS A 487 13.29 29.50 21.20
N MET A 488 12.22 29.14 20.51
CA MET A 488 12.06 27.79 19.98
C MET A 488 12.72 27.66 18.61
N GLU A 489 12.66 26.43 18.07
CA GLU A 489 12.99 26.22 16.67
C GLU A 489 11.71 26.27 15.83
N PRO A 490 11.84 26.70 14.56
CA PRO A 490 10.63 26.92 13.75
C PRO A 490 9.78 25.68 13.55
N ILE A 491 10.40 24.54 13.28
CA ILE A 491 9.63 23.32 13.02
C ILE A 491 8.87 22.89 14.28
N SER A 492 9.50 23.05 15.45
CA SER A 492 8.79 22.74 16.69
C SER A 492 7.64 23.69 16.93
N ILE A 493 7.82 24.99 16.62
CA ILE A 493 6.71 25.92 16.76
C ILE A 493 5.54 25.51 15.88
N ILE A 494 5.83 25.18 14.62
CA ILE A 494 4.77 24.83 13.68
C ILE A 494 4.06 23.55 14.12
N GLY A 495 4.84 22.55 14.55
CA GLY A 495 4.22 21.30 15.00
C GLY A 495 3.38 21.48 16.25
N ALA A 496 3.88 22.24 17.22
CA ALA A 496 3.12 22.47 18.44
C ALA A 496 1.83 23.22 18.15
N GLN A 497 1.87 24.22 17.26
CA GLN A 497 0.65 24.94 16.93
C GLN A 497 -0.33 24.05 16.19
N THR A 498 0.15 23.24 15.24
CA THR A 498 -0.74 22.36 14.51
C THR A 498 -1.41 21.35 15.42
N GLY A 499 -0.65 20.79 16.37
CA GLY A 499 -1.25 19.89 17.34
C GLY A 499 -2.23 20.58 18.27
N ALA A 500 -1.89 21.78 18.75
CA ALA A 500 -2.75 22.49 19.69
C ALA A 500 -4.07 22.88 19.04
N ASP A 501 -4.03 23.37 17.80
CA ASP A 501 -5.25 23.72 17.08
C ASP A 501 -6.06 22.50 16.71
N THR A 502 -5.47 21.30 16.77
CA THR A 502 -6.12 20.05 16.36
C THR A 502 -6.57 20.17 14.90
N LEU A 503 -5.62 20.53 14.04
CA LEU A 503 -5.86 20.69 12.61
C LEU A 503 -5.14 19.55 11.90
N SER A 504 -5.83 18.40 11.77
CA SER A 504 -5.24 17.25 11.12
C SER A 504 -5.02 17.47 9.63
N ALA A 505 -5.76 18.40 9.01
CA ALA A 505 -5.57 18.68 7.60
C ALA A 505 -4.19 19.27 7.31
N ALA A 506 -3.64 20.02 8.27
CA ALA A 506 -2.32 20.59 8.08
C ALA A 506 -1.20 19.56 8.14
N LEU A 507 -1.44 18.42 8.82
CA LEU A 507 -0.39 17.43 8.99
C LEU A 507 0.08 16.90 7.64
N ASN A 508 -0.85 16.50 6.78
CA ASN A 508 -0.47 15.93 5.49
C ASN A 508 0.28 16.94 4.64
N ASP A 509 -0.18 18.19 4.61
CA ASP A 509 0.43 19.18 3.73
C ASP A 509 1.80 19.61 4.23
N VAL A 510 1.94 19.86 5.52
CA VAL A 510 3.24 20.25 6.05
C VAL A 510 4.22 19.09 5.95
N SER A 511 3.75 17.85 6.16
CA SER A 511 4.64 16.70 6.02
C SER A 511 5.08 16.52 4.58
N GLU A 512 4.19 16.74 3.62
CA GLU A 512 4.57 16.58 2.22
C GLU A 512 5.51 17.69 1.76
N ARG A 513 5.38 18.89 2.33
CA ARG A 513 6.34 19.95 2.01
C ARG A 513 7.68 19.71 2.68
N VAL A 514 7.68 19.19 3.91
CA VAL A 514 8.93 18.89 4.61
C VAL A 514 9.67 17.76 3.92
N GLY A 515 8.95 16.74 3.46
CA GLY A 515 9.56 15.55 2.91
C GLY A 515 9.59 14.41 3.92
N SER A 516 9.84 13.20 3.40
CA SER A 516 9.88 12.02 4.25
C SER A 516 11.06 12.04 5.22
N ASP A 517 12.03 12.93 5.02
CA ASP A 517 13.23 12.93 5.85
C ASP A 517 12.92 13.40 7.27
N ALA A 518 12.18 14.51 7.41
CA ALA A 518 11.85 15.07 8.71
C ALA A 518 10.36 15.05 9.01
N SER A 519 9.57 14.40 8.16
CA SER A 519 8.16 14.17 8.50
C SER A 519 7.99 13.42 9.83
N PRO A 520 8.81 12.41 10.16
CA PRO A 520 8.72 11.86 11.52
C PRO A 520 8.96 12.90 12.60
N PHE A 521 9.89 13.83 12.40
CA PHE A 521 10.09 14.87 13.40
C PHE A 521 8.86 15.77 13.53
N PHE A 522 8.26 16.13 12.39
CA PHE A 522 7.05 16.96 12.45
C PHE A 522 5.91 16.24 13.15
N ALA A 523 5.71 14.95 12.84
CA ALA A 523 4.66 14.19 13.49
C ALA A 523 4.92 14.04 14.98
N ALA A 524 6.19 13.84 15.36
CA ALA A 524 6.54 13.75 16.77
C ALA A 524 6.27 15.06 17.49
N ALA A 525 6.56 16.19 16.84
CA ALA A 525 6.24 17.48 17.45
C ALA A 525 4.74 17.68 17.55
N VAL A 526 3.98 17.17 16.59
CA VAL A 526 2.53 17.36 16.58
C VAL A 526 1.86 16.53 17.67
N ALA A 527 2.34 15.30 17.89
CA ALA A 527 1.56 14.34 18.66
C ALA A 527 1.24 14.77 20.08
N PRO A 528 2.21 15.16 20.93
CA PRO A 528 1.83 15.57 22.30
C PRO A 528 0.93 16.79 22.33
N ALA A 529 1.12 17.72 21.40
CA ALA A 529 0.22 18.87 21.32
C ALA A 529 -1.19 18.44 20.92
N TYR A 530 -1.29 17.43 20.06
CA TYR A 530 -2.58 17.01 19.54
C TYR A 530 -3.52 16.54 20.66
N ALA A 531 -3.00 15.71 21.59
CA ALA A 531 -3.86 15.17 22.64
C ALA A 531 -4.40 16.26 23.55
N ILE A 532 -3.51 17.13 24.04
CA ILE A 532 -3.93 18.19 24.95
C ILE A 532 -4.86 19.16 24.23
N GLY A 533 -4.56 19.50 22.98
CA GLY A 533 -5.46 20.34 22.22
C GLY A 533 -6.82 19.73 22.04
N ASN A 534 -6.87 18.44 21.72
CA ASN A 534 -8.15 17.75 21.57
C ASN A 534 -8.96 17.81 22.85
N ILE A 535 -8.34 17.47 23.98
CA ILE A 535 -9.07 17.44 25.25
C ILE A 535 -9.57 18.83 25.62
N PHE A 536 -8.69 19.84 25.56
CA PHE A 536 -9.08 21.17 26.01
C PHE A 536 -10.07 21.82 25.04
N LEU A 537 -9.95 21.56 23.74
CA LEU A 537 -10.92 22.09 22.80
C LEU A 537 -12.29 21.43 22.98
N THR A 538 -12.30 20.13 23.28
CA THR A 538 -13.57 19.46 23.58
C THR A 538 -14.21 20.09 24.82
N LEU A 539 -13.40 20.40 25.83
CA LEU A 539 -13.94 21.06 27.03
C LEU A 539 -14.24 22.54 26.81
N MET A 540 -13.77 23.14 25.72
CA MET A 540 -13.87 24.59 25.55
C MET A 540 -15.29 25.06 25.30
N GLY A 541 -16.12 24.26 24.63
CA GLY A 541 -17.46 24.65 24.27
C GLY A 541 -18.41 24.87 25.44
N PRO A 542 -18.61 23.82 26.25
CA PRO A 542 -19.58 23.94 27.35
C PRO A 542 -19.31 25.06 28.32
N ILE A 543 -18.04 25.32 28.65
CA ILE A 543 -17.74 26.40 29.59
C ILE A 543 -18.10 27.75 28.97
N PHE A 544 -17.85 27.91 27.67
CA PHE A 544 -18.23 29.14 26.99
C PHE A 544 -19.74 29.31 26.97
N ILE A 545 -20.49 28.23 26.71
CA ILE A 545 -21.95 28.34 26.74
C ILE A 545 -22.43 28.73 28.13
N VAL A 546 -21.86 28.11 29.17
CA VAL A 546 -22.28 28.41 30.54
C VAL A 546 -21.97 29.85 30.89
N LEU A 547 -20.80 30.35 30.47
CA LEU A 547 -20.42 31.72 30.79
C LEU A 547 -21.30 32.72 30.05
N LEU A 548 -21.49 32.54 28.75
CA LEU A 548 -22.23 33.52 27.96
C LEU A 548 -23.72 33.51 28.30
N SER A 549 -24.29 32.33 28.49
CA SER A 549 -25.73 32.24 28.79
C SER A 549 -25.98 31.54 30.12
N MET B 1 -22.83 -13.06 29.01
CA MET B 1 -22.03 -12.73 27.83
C MET B 1 -22.68 -11.57 27.09
N ASN B 2 -23.68 -10.98 27.73
CA ASN B 2 -24.41 -9.87 27.12
C ASN B 2 -23.53 -8.64 26.95
N ALA B 3 -22.60 -8.40 27.89
CA ALA B 3 -21.69 -7.28 27.73
C ALA B 3 -20.81 -7.45 26.51
N ILE B 4 -20.24 -8.65 26.32
CA ILE B 4 -19.38 -8.91 25.18
C ILE B 4 -20.18 -8.77 23.88
N GLY B 5 -21.38 -9.36 23.86
CA GLY B 5 -22.20 -9.27 22.66
C GLY B 5 -22.58 -7.84 22.33
N ASN B 6 -22.96 -7.06 23.34
CA ASN B 6 -23.35 -5.67 23.11
C ASN B 6 -22.17 -4.85 22.62
N PHE B 7 -20.99 -5.04 23.21
CA PHE B 7 -19.82 -4.30 22.74
C PHE B 7 -19.47 -4.66 21.31
N LEU B 8 -19.53 -5.95 20.97
CA LEU B 8 -19.17 -6.38 19.62
C LEU B 8 -20.15 -5.85 18.59
N VAL B 9 -21.46 -5.86 18.90
CA VAL B 9 -22.41 -5.36 17.92
C VAL B 9 -22.36 -3.84 17.86
N GLY B 10 -22.08 -3.17 18.98
CA GLY B 10 -22.01 -1.72 18.97
C GLY B 10 -20.84 -1.19 18.16
N THR B 11 -19.66 -1.81 18.31
CA THR B 11 -18.50 -1.37 17.55
C THR B 11 -18.30 -2.32 16.38
N PRO B 12 -18.60 -1.91 15.15
CA PRO B 12 -18.43 -2.82 14.01
C PRO B 12 -16.99 -2.93 13.56
N VAL B 13 -16.24 -1.82 13.63
CA VAL B 13 -14.84 -1.85 13.22
C VAL B 13 -14.05 -2.81 14.09
N PHE B 14 -14.29 -2.79 15.40
CA PHE B 14 -13.59 -3.69 16.31
C PHE B 14 -13.86 -5.15 15.95
N THR B 15 -15.11 -5.49 15.65
CA THR B 15 -15.44 -6.88 15.35
C THR B 15 -14.83 -7.32 14.02
N ILE B 16 -14.99 -6.51 12.96
CA ILE B 16 -14.47 -6.91 11.66
C ILE B 16 -12.96 -6.85 11.59
N PHE B 17 -12.29 -6.13 12.49
CA PHE B 17 -10.85 -6.10 12.49
C PHE B 17 -10.24 -6.95 13.60
N ILE B 18 -11.06 -7.57 14.45
CA ILE B 18 -10.59 -8.62 15.33
C ILE B 18 -10.89 -10.00 14.78
N ALA B 19 -11.83 -10.12 13.84
CA ALA B 19 -11.99 -11.36 13.08
C ALA B 19 -11.00 -11.46 11.93
N LEU B 20 -10.40 -10.34 11.54
CA LEU B 20 -9.37 -10.31 10.51
C LEU B 20 -7.97 -10.44 11.08
N ALA B 21 -7.82 -10.38 12.40
CA ALA B 21 -6.53 -10.56 13.06
C ALA B 21 -6.34 -11.98 13.55
N LEU B 22 -7.33 -12.54 14.26
CA LEU B 22 -7.28 -13.94 14.63
C LEU B 22 -7.45 -14.85 13.42
N GLY B 23 -8.16 -14.38 12.40
CA GLY B 23 -8.38 -15.19 11.22
C GLY B 23 -7.08 -15.52 10.49
N TYR B 24 -6.20 -14.53 10.35
CA TYR B 24 -4.92 -14.79 9.69
C TYR B 24 -4.06 -15.72 10.52
N LEU B 25 -4.07 -15.57 11.85
CA LEU B 25 -3.32 -16.48 12.71
C LEU B 25 -3.82 -17.91 12.58
N LEU B 26 -5.14 -18.09 12.50
CA LEU B 26 -5.68 -19.43 12.29
C LEU B 26 -5.32 -19.95 10.90
N GLY B 27 -5.30 -19.06 9.90
CA GLY B 27 -4.95 -19.47 8.56
C GLY B 27 -3.51 -19.91 8.42
N LYS B 28 -2.60 -19.30 9.19
CA LYS B 28 -1.19 -19.69 9.15
C LYS B 28 -0.95 -21.08 9.72
N LEU B 29 -1.95 -21.68 10.37
CA LEU B 29 -1.80 -23.04 10.88
C LEU B 29 -1.56 -24.01 9.72
N LYS B 30 -0.59 -24.90 9.90
CA LYS B 30 -0.21 -25.89 8.90
C LYS B 30 -0.35 -27.28 9.50
N ILE B 31 -1.19 -28.12 8.88
CA ILE B 31 -1.37 -29.50 9.30
C ILE B 31 -0.86 -30.39 8.17
N GLY B 32 0.17 -31.16 8.45
CA GLY B 32 0.79 -31.95 7.39
C GLY B 32 1.35 -31.03 6.33
N SER B 33 0.90 -31.22 5.09
CA SER B 33 1.25 -30.35 3.98
C SER B 33 0.12 -29.41 3.60
N PHE B 34 -0.93 -29.34 4.40
CA PHE B 34 -2.13 -28.57 4.09
C PHE B 34 -2.20 -27.33 4.98
N THR B 35 -2.40 -26.17 4.35
CA THR B 35 -2.55 -24.91 5.06
C THR B 35 -3.97 -24.40 4.87
N LEU B 36 -4.59 -23.97 5.98
CA LEU B 36 -5.98 -23.52 5.91
C LEU B 36 -6.14 -22.31 4.99
N GLY B 37 -5.21 -21.36 5.08
CA GLY B 37 -5.27 -20.17 4.27
C GLY B 37 -6.02 -19.03 4.95
N ALA B 38 -5.74 -17.82 4.48
CA ALA B 38 -6.30 -16.63 5.12
C ALA B 38 -7.82 -16.59 4.98
N THR B 39 -8.33 -16.87 3.79
CA THR B 39 -9.78 -16.77 3.56
C THR B 39 -10.56 -17.78 4.38
N VAL B 40 -10.07 -19.03 4.45
CA VAL B 40 -10.78 -20.04 5.23
C VAL B 40 -10.62 -19.78 6.72
N GLY B 41 -9.46 -19.30 7.15
CA GLY B 41 -9.31 -18.96 8.56
C GLY B 41 -10.22 -17.83 8.98
N VAL B 42 -10.41 -16.84 8.11
CA VAL B 42 -11.30 -15.73 8.43
C VAL B 42 -12.76 -16.19 8.39
N LEU B 43 -13.13 -17.04 7.44
CA LEU B 43 -14.51 -17.55 7.41
C LEU B 43 -14.80 -18.50 8.55
N ILE B 44 -13.77 -19.10 9.15
CA ILE B 44 -14.00 -19.96 10.31
C ILE B 44 -14.05 -19.15 11.59
N VAL B 45 -13.16 -18.15 11.74
CA VAL B 45 -13.14 -17.33 12.94
C VAL B 45 -14.37 -16.43 13.00
N ALA B 46 -14.79 -15.90 11.86
CA ALA B 46 -15.92 -14.97 11.84
C ALA B 46 -17.21 -15.65 12.26
N LEU B 47 -17.40 -16.92 11.90
CA LEU B 47 -18.61 -17.62 12.33
C LEU B 47 -18.65 -17.78 13.85
N LEU B 48 -17.52 -18.18 14.45
CA LEU B 48 -17.47 -18.33 15.89
C LEU B 48 -17.69 -17.00 16.59
N ILE B 49 -17.12 -15.92 16.05
CA ILE B 49 -17.35 -14.60 16.64
C ILE B 49 -18.82 -14.19 16.50
N GLY B 50 -19.42 -14.49 15.34
CA GLY B 50 -20.80 -14.14 15.10
C GLY B 50 -21.80 -14.97 15.90
N GLN B 51 -21.36 -16.10 16.44
CA GLN B 51 -22.25 -16.84 17.34
C GLN B 51 -22.46 -16.13 18.67
N LEU B 52 -21.60 -15.17 19.02
CA LEU B 52 -21.73 -14.49 20.30
C LEU B 52 -23.00 -13.64 20.36
N GLY B 53 -23.29 -12.88 19.32
CA GLY B 53 -24.46 -12.04 19.29
C GLY B 53 -24.98 -11.90 17.87
N VAL B 54 -26.03 -11.09 17.72
CA VAL B 54 -26.61 -10.82 16.42
C VAL B 54 -25.89 -9.64 15.78
N PHE B 55 -25.49 -9.80 14.52
CA PHE B 55 -24.75 -8.77 13.80
C PHE B 55 -25.49 -8.44 12.50
N PRO B 56 -25.89 -7.20 12.29
CA PRO B 56 -26.50 -6.82 11.01
C PRO B 56 -25.48 -6.86 9.89
N ARG B 57 -25.98 -7.09 8.67
CA ARG B 57 -25.11 -7.15 7.51
C ARG B 57 -24.67 -5.74 7.13
N ASP B 58 -23.36 -5.56 6.98
CA ASP B 58 -22.77 -4.26 6.65
C ASP B 58 -22.38 -4.27 5.17
N THR B 59 -23.12 -3.52 4.36
CA THR B 59 -22.83 -3.37 2.94
C THR B 59 -22.08 -2.08 2.62
N CYS B 60 -21.60 -1.38 3.65
CA CYS B 60 -20.91 -0.10 3.46
C CYS B 60 -19.40 -0.26 3.36
N LEU B 61 -18.80 -1.11 4.19
CA LEU B 61 -17.36 -1.33 4.12
C LEU B 61 -17.01 -2.57 3.30
N GLY B 62 -17.80 -3.64 3.45
CA GLY B 62 -17.50 -4.87 2.73
C GLY B 62 -17.61 -4.72 1.23
N ASP B 63 -18.64 -4.04 0.75
CA ASP B 63 -18.81 -3.87 -0.69
C ASP B 63 -17.72 -3.01 -1.29
N ILE B 64 -17.34 -1.93 -0.60
CA ILE B 64 -16.27 -1.07 -1.10
C ILE B 64 -14.94 -1.81 -1.11
N PHE B 65 -14.68 -2.62 -0.08
CA PHE B 65 -13.42 -3.37 -0.07
C PHE B 65 -13.42 -4.48 -1.12
N PHE B 66 -14.57 -5.07 -1.40
CA PHE B 66 -14.67 -6.02 -2.51
C PHE B 66 -14.42 -5.34 -3.84
N ASP B 67 -14.94 -4.11 -4.00
CA ASP B 67 -14.66 -3.33 -5.20
C ASP B 67 -13.16 -3.06 -5.34
N PHE B 68 -12.51 -2.71 -4.22
CA PHE B 68 -11.07 -2.50 -4.23
C PHE B 68 -10.32 -3.76 -4.63
N PHE B 69 -10.75 -4.91 -4.10
CA PHE B 69 -10.09 -6.18 -4.42
C PHE B 69 -10.23 -6.52 -5.90
N MET B 70 -11.44 -6.36 -6.44
CA MET B 70 -11.66 -6.66 -7.85
C MET B 70 -10.88 -5.71 -8.74
N PHE B 71 -10.82 -4.42 -8.37
CA PHE B 71 -10.02 -3.47 -9.13
C PHE B 71 -8.54 -3.82 -9.07
N ALA B 72 -8.06 -4.28 -7.91
CA ALA B 72 -6.67 -4.67 -7.79
C ALA B 72 -6.35 -5.83 -8.72
N ILE B 73 -7.22 -6.84 -8.77
CA ILE B 73 -6.99 -7.95 -9.69
C ILE B 73 -7.01 -7.46 -11.13
N GLY B 74 -8.01 -6.64 -11.48
CA GLY B 74 -8.11 -6.16 -12.86
C GLY B 74 -6.93 -5.34 -13.28
N TYR B 75 -6.36 -4.55 -12.37
CA TYR B 75 -5.20 -3.73 -12.68
C TYR B 75 -3.94 -4.58 -12.77
N ARG B 76 -3.79 -5.57 -11.90
CA ARG B 76 -2.61 -6.42 -11.94
C ARG B 76 -2.57 -7.29 -13.19
N VAL B 77 -3.74 -7.70 -13.70
CA VAL B 77 -3.80 -8.61 -14.83
C VAL B 77 -3.94 -7.86 -16.16
N GLY B 78 -3.84 -6.54 -16.15
CA GLY B 78 -4.05 -5.74 -17.33
C GLY B 78 -3.13 -6.04 -18.50
N PRO B 79 -1.81 -5.86 -18.32
CA PRO B 79 -0.92 -5.94 -19.49
C PRO B 79 -0.90 -7.29 -20.17
N SER B 80 -1.02 -8.39 -19.44
CA SER B 80 -0.88 -9.73 -20.01
C SER B 80 -2.20 -10.33 -20.47
N PHE B 81 -3.32 -9.60 -20.33
CA PHE B 81 -4.62 -10.17 -20.63
C PHE B 81 -4.74 -10.52 -22.12
N ILE B 82 -4.32 -9.62 -22.99
CA ILE B 82 -4.47 -9.86 -24.43
C ILE B 82 -3.58 -11.02 -24.87
N SER B 83 -2.35 -11.06 -24.37
CA SER B 83 -1.44 -12.15 -24.73
C SER B 83 -1.97 -13.50 -24.22
N SER B 84 -2.55 -13.51 -23.03
CA SER B 84 -3.12 -14.75 -22.50
C SER B 84 -4.36 -15.17 -23.30
N MET B 85 -5.18 -14.21 -23.70
CA MET B 85 -6.41 -14.52 -24.43
C MET B 85 -6.13 -14.99 -25.84
N LYS B 86 -5.08 -14.47 -26.47
CA LYS B 86 -4.75 -14.91 -27.82
C LYS B 86 -4.36 -16.40 -27.83
N LYS B 87 -3.70 -16.86 -26.77
CA LYS B 87 -3.31 -18.26 -26.69
C LYS B 87 -4.47 -19.13 -26.22
N PHE B 88 -5.05 -18.82 -25.05
CA PHE B 88 -6.13 -19.62 -24.47
C PHE B 88 -7.28 -18.69 -24.08
N GLY B 89 -8.14 -18.37 -25.05
CA GLY B 89 -9.37 -17.66 -24.74
C GLY B 89 -10.61 -18.42 -25.15
N ALA B 90 -10.54 -19.13 -26.27
CA ALA B 90 -11.68 -19.89 -26.74
C ALA B 90 -11.84 -21.18 -25.95
N LYS B 91 -10.74 -21.78 -25.52
CA LYS B 91 -10.83 -22.94 -24.64
C LYS B 91 -11.49 -22.56 -23.33
N ILE B 92 -11.12 -21.41 -22.77
CA ILE B 92 -11.70 -20.96 -21.51
C ILE B 92 -13.19 -20.64 -21.70
N VAL B 93 -13.55 -20.00 -22.82
CA VAL B 93 -14.96 -19.71 -23.05
C VAL B 93 -15.76 -20.96 -23.40
N TYR B 94 -15.10 -22.05 -23.79
CA TYR B 94 -15.78 -23.33 -24.01
C TYR B 94 -15.83 -24.19 -22.75
N ALA B 95 -15.00 -23.88 -21.75
CA ALA B 95 -15.09 -24.53 -20.45
C ALA B 95 -16.00 -23.80 -19.49
N THR B 96 -16.20 -22.50 -19.68
CA THR B 96 -17.18 -21.78 -18.87
C THR B 96 -18.60 -22.14 -19.28
N LEU B 97 -18.81 -22.49 -20.55
CA LEU B 97 -20.11 -22.87 -21.06
C LEU B 97 -20.42 -24.34 -20.86
N ILE B 98 -19.47 -25.12 -20.32
CA ILE B 98 -19.70 -26.51 -19.98
C ILE B 98 -20.02 -26.67 -18.49
N PHE B 99 -19.30 -25.95 -17.64
CA PHE B 99 -19.59 -25.98 -16.21
C PHE B 99 -21.00 -25.50 -15.92
N LEU B 100 -21.44 -24.42 -16.58
CA LEU B 100 -22.74 -23.86 -16.28
C LEU B 100 -23.87 -24.80 -16.72
N VAL B 101 -23.76 -25.37 -17.93
CA VAL B 101 -24.80 -26.29 -18.37
C VAL B 101 -24.79 -27.57 -17.54
N SER B 102 -23.60 -28.03 -17.15
CA SER B 102 -23.52 -29.21 -16.29
C SER B 102 -24.16 -28.94 -14.93
N ALA B 103 -23.92 -27.75 -14.36
CA ALA B 103 -24.55 -27.39 -13.09
C ALA B 103 -26.06 -27.31 -13.25
N PHE B 104 -26.53 -26.74 -14.36
CA PHE B 104 -27.97 -26.69 -14.62
C PHE B 104 -28.56 -28.09 -14.66
N ILE B 105 -27.92 -29.00 -15.40
CA ILE B 105 -28.45 -30.35 -15.55
C ILE B 105 -28.46 -31.07 -14.20
N VAL B 106 -27.36 -30.96 -13.44
CA VAL B 106 -27.27 -31.67 -12.17
C VAL B 106 -28.28 -31.12 -11.17
N ALA B 107 -28.40 -29.79 -11.10
CA ALA B 107 -29.36 -29.19 -10.18
C ALA B 107 -30.78 -29.58 -10.54
N TYR B 108 -31.12 -29.57 -11.83
CA TYR B 108 -32.47 -29.96 -12.24
C TYR B 108 -32.74 -31.42 -11.90
N ALA B 109 -31.76 -32.30 -12.15
CA ALA B 109 -31.97 -33.72 -11.87
C ALA B 109 -32.15 -33.96 -10.37
N ALA B 110 -31.30 -33.35 -9.54
CA ALA B 110 -31.42 -33.54 -8.10
C ALA B 110 -32.74 -32.96 -7.58
N PHE B 111 -33.13 -31.79 -8.08
CA PHE B 111 -34.36 -31.15 -7.61
C PHE B 111 -35.58 -31.96 -8.00
N LYS B 112 -35.59 -32.53 -9.21
CA LYS B 112 -36.70 -33.38 -9.60
C LYS B 112 -36.72 -34.68 -8.80
N MET B 113 -35.53 -35.26 -8.55
CA MET B 113 -35.47 -36.52 -7.83
C MET B 113 -35.96 -36.37 -6.39
N PHE B 114 -35.59 -35.27 -5.74
CA PHE B 114 -35.90 -35.07 -4.32
C PHE B 114 -37.02 -34.07 -4.09
N HIS B 115 -37.87 -33.86 -5.10
CA HIS B 115 -39.05 -32.98 -5.03
C HIS B 115 -38.76 -31.70 -4.25
N ILE B 116 -37.69 -31.01 -4.67
CA ILE B 116 -37.21 -29.84 -3.95
C ILE B 116 -38.08 -28.65 -4.31
N GLY B 117 -38.51 -27.89 -3.29
CA GLY B 117 -39.37 -26.75 -3.49
C GLY B 117 -38.67 -25.62 -4.21
N PRO B 118 -39.45 -24.63 -4.68
CA PRO B 118 -38.83 -23.54 -5.46
C PRO B 118 -37.90 -22.66 -4.64
N GLY B 119 -38.34 -22.22 -3.46
CA GLY B 119 -37.48 -21.38 -2.63
C GLY B 119 -36.23 -22.10 -2.17
N ILE B 120 -36.38 -23.36 -1.75
CA ILE B 120 -35.23 -24.15 -1.34
C ILE B 120 -34.29 -24.37 -2.52
N ALA B 121 -34.85 -24.57 -3.72
CA ALA B 121 -34.04 -24.75 -4.91
C ALA B 121 -33.22 -23.50 -5.20
N ALA B 122 -33.86 -22.33 -5.15
CA ALA B 122 -33.15 -21.10 -5.42
C ALA B 122 -32.10 -20.80 -4.36
N GLY B 123 -32.38 -21.13 -3.10
CA GLY B 123 -31.41 -20.92 -2.04
C GLY B 123 -30.22 -21.86 -2.18
N ILE B 124 -30.48 -23.12 -2.52
CA ILE B 124 -29.40 -24.09 -2.70
C ILE B 124 -28.50 -23.66 -3.85
N ILE B 125 -29.09 -23.19 -4.95
CA ILE B 125 -28.28 -22.74 -6.07
C ILE B 125 -27.48 -21.49 -5.69
N ALA B 126 -28.12 -20.54 -5.02
CA ALA B 126 -27.45 -19.31 -4.63
C ALA B 126 -26.30 -19.59 -3.67
N GLY B 127 -26.42 -20.62 -2.84
CA GLY B 127 -25.37 -20.93 -1.89
C GLY B 127 -24.26 -21.77 -2.48
N GLY B 128 -24.61 -22.88 -3.13
CA GLY B 128 -23.58 -23.75 -3.68
C GLY B 128 -22.81 -23.12 -4.81
N LEU B 129 -23.50 -22.36 -5.67
CA LEU B 129 -22.82 -21.69 -6.78
C LEU B 129 -22.26 -20.32 -6.38
N THR B 130 -22.40 -19.95 -5.10
CA THR B 130 -21.74 -18.77 -4.55
C THR B 130 -22.10 -17.50 -5.33
N GLN B 131 -23.40 -17.32 -5.58
CA GLN B 131 -23.91 -16.14 -6.26
C GLN B 131 -25.00 -15.52 -5.40
N SER B 132 -24.73 -14.35 -4.83
CA SER B 132 -25.66 -13.74 -3.88
C SER B 132 -26.85 -13.10 -4.57
N ALA B 133 -26.66 -12.51 -5.76
CA ALA B 133 -27.74 -11.83 -6.45
C ALA B 133 -28.88 -12.78 -6.84
N VAL B 134 -28.62 -14.08 -6.81
CA VAL B 134 -29.65 -15.07 -7.10
C VAL B 134 -30.82 -14.91 -6.13
N ILE B 135 -30.53 -14.63 -4.85
CA ILE B 135 -31.59 -14.48 -3.87
C ILE B 135 -32.49 -13.31 -4.23
N GLY B 136 -31.91 -12.18 -4.66
CA GLY B 136 -32.72 -11.04 -5.04
C GLY B 136 -33.54 -11.30 -6.29
N SER B 137 -32.92 -11.89 -7.31
CA SER B 137 -33.65 -12.21 -8.53
C SER B 137 -34.79 -13.19 -8.25
N SER B 138 -34.52 -14.19 -7.40
CA SER B 138 -35.54 -15.16 -7.02
C SER B 138 -36.68 -14.49 -6.25
N LEU B 139 -36.35 -13.55 -5.36
CA LEU B 139 -37.40 -12.82 -4.66
C LEU B 139 -38.28 -12.06 -5.64
N GLU B 140 -37.67 -11.40 -6.63
CA GLU B 140 -38.46 -10.68 -7.63
C GLU B 140 -39.32 -11.63 -8.43
N THR B 141 -38.77 -12.77 -8.84
CA THR B 141 -39.51 -13.73 -9.65
C THR B 141 -40.66 -14.36 -8.87
N ILE B 142 -40.43 -14.74 -7.61
CA ILE B 142 -41.49 -15.30 -6.79
C ILE B 142 -42.55 -14.24 -6.49
N SER B 143 -42.15 -12.97 -6.43
CA SER B 143 -43.14 -11.90 -6.31
C SER B 143 -44.03 -11.83 -7.55
N LYS B 144 -43.42 -11.93 -8.73
CA LYS B 144 -44.21 -11.90 -9.96
C LYS B 144 -45.07 -13.15 -10.12
N LEU B 145 -44.61 -14.29 -9.63
CA LEU B 145 -45.26 -15.56 -9.89
C LEU B 145 -46.69 -15.56 -9.35
N PRO B 146 -47.66 -16.09 -10.09
CA PRO B 146 -49.06 -16.13 -9.63
C PRO B 146 -49.33 -17.29 -8.68
N ILE B 147 -48.86 -17.15 -7.44
CA ILE B 147 -49.06 -18.14 -6.39
C ILE B 147 -49.83 -17.48 -5.26
N SER B 148 -50.25 -18.29 -4.30
CA SER B 148 -50.93 -17.77 -3.11
C SER B 148 -49.97 -16.91 -2.29
N ASP B 149 -50.54 -15.93 -1.59
CA ASP B 149 -49.72 -15.00 -0.82
C ASP B 149 -48.95 -15.72 0.30
N HIS B 150 -49.61 -16.66 0.97
CA HIS B 150 -48.93 -17.42 2.03
C HIS B 150 -47.77 -18.22 1.47
N LEU B 151 -47.96 -18.87 0.33
CA LEU B 151 -46.89 -19.64 -0.29
C LEU B 151 -45.75 -18.72 -0.74
N LYS B 152 -46.07 -17.56 -1.29
CA LYS B 152 -45.04 -16.61 -1.69
C LYS B 152 -44.22 -16.14 -0.49
N THR B 153 -44.90 -15.83 0.63
CA THR B 153 -44.19 -15.43 1.84
C THR B 153 -43.33 -16.57 2.36
N LEU B 154 -43.84 -17.80 2.33
CA LEU B 154 -43.06 -18.94 2.79
C LEU B 154 -41.80 -19.13 1.96
N TYR B 155 -41.92 -19.04 0.64
CA TYR B 155 -40.75 -19.17 -0.22
C TYR B 155 -39.76 -18.03 0.02
N SER B 156 -40.26 -16.80 0.12
CA SER B 156 -39.38 -15.65 0.33
C SER B 156 -38.67 -15.73 1.68
N ASN B 157 -39.29 -16.36 2.67
CA ASN B 157 -38.60 -16.59 3.94
C ASN B 157 -37.62 -17.74 3.85
N GLN B 158 -37.94 -18.78 3.06
CA GLN B 158 -37.06 -19.94 2.96
C GLN B 158 -35.77 -19.63 2.21
N ILE B 159 -35.83 -18.73 1.23
CA ILE B 159 -34.65 -18.50 0.37
C ILE B 159 -33.43 -18.05 1.17
N PRO B 160 -33.49 -17.01 2.01
CA PRO B 160 -32.26 -16.59 2.72
C PRO B 160 -31.68 -17.64 3.64
N ILE B 161 -32.53 -18.41 4.32
CA ILE B 161 -32.04 -19.39 5.30
C ILE B 161 -31.27 -20.51 4.60
N VAL B 162 -31.82 -21.03 3.51
CA VAL B 162 -31.14 -22.10 2.78
C VAL B 162 -29.84 -21.59 2.16
N TYR B 163 -29.85 -20.35 1.67
CA TYR B 163 -28.64 -19.74 1.16
C TYR B 163 -27.57 -19.65 2.24
N THR B 164 -27.95 -19.21 3.44
CA THR B 164 -26.98 -19.09 4.52
C THR B 164 -26.45 -20.45 4.95
N LEU B 165 -27.33 -21.45 5.01
CA LEU B 165 -26.88 -22.80 5.38
C LEU B 165 -25.91 -23.38 4.36
N THR B 166 -26.20 -23.20 3.07
CA THR B 166 -25.40 -23.85 2.04
C THR B 166 -24.13 -23.08 1.72
N TYR B 167 -24.14 -21.76 1.90
CA TYR B 167 -22.99 -20.93 1.56
C TYR B 167 -21.74 -21.30 2.35
N VAL B 168 -21.89 -21.89 3.53
CA VAL B 168 -20.72 -22.24 4.34
C VAL B 168 -19.88 -23.30 3.63
N PHE B 169 -20.53 -24.33 3.10
CA PHE B 169 -19.79 -25.39 2.40
C PHE B 169 -19.38 -24.96 1.00
N GLY B 170 -20.17 -24.11 0.35
CA GLY B 170 -19.87 -23.69 -1.00
C GLY B 170 -18.66 -22.78 -1.13
N THR B 171 -18.08 -22.37 -0.01
CA THR B 171 -16.85 -21.57 -0.01
C THR B 171 -15.64 -22.34 0.47
N ILE B 172 -15.81 -23.27 1.40
CA ILE B 172 -14.69 -24.06 1.92
C ILE B 172 -14.49 -25.34 1.11
N GLY B 173 -15.56 -26.11 0.91
CA GLY B 173 -15.41 -27.38 0.23
C GLY B 173 -14.97 -27.23 -1.22
N VAL B 174 -15.59 -26.30 -1.95
CA VAL B 174 -15.23 -26.09 -3.34
C VAL B 174 -13.80 -25.57 -3.47
N LEU B 175 -13.42 -24.64 -2.58
CA LEU B 175 -12.05 -24.13 -2.59
C LEU B 175 -11.04 -25.24 -2.32
N ILE B 176 -11.32 -26.08 -1.32
CA ILE B 176 -10.42 -27.19 -1.02
C ILE B 176 -10.33 -28.15 -2.20
N PHE B 177 -11.48 -28.41 -2.85
CA PHE B 177 -11.49 -29.33 -3.98
C PHE B 177 -10.64 -28.80 -5.13
N LEU B 178 -10.82 -27.53 -5.50
CA LEU B 178 -10.11 -26.99 -6.66
C LEU B 178 -8.73 -26.45 -6.31
N ARG B 179 -8.31 -26.50 -5.05
CA ARG B 179 -6.99 -26.04 -4.67
C ARG B 179 -6.05 -27.13 -4.17
N ASP B 180 -6.57 -28.19 -3.54
CA ASP B 180 -5.73 -29.24 -3.01
C ASP B 180 -5.98 -30.58 -3.67
N ILE B 181 -7.24 -31.03 -3.72
CA ILE B 181 -7.55 -32.32 -4.33
C ILE B 181 -7.33 -32.28 -5.83
N MET B 182 -7.65 -31.15 -6.47
CA MET B 182 -7.55 -31.07 -7.93
C MET B 182 -6.13 -31.21 -8.44
N PRO B 183 -5.13 -30.46 -7.93
CA PRO B 183 -3.76 -30.67 -8.44
C PRO B 183 -3.26 -32.09 -8.26
N LYS B 184 -3.60 -32.74 -7.14
CA LYS B 184 -3.21 -34.12 -6.93
C LYS B 184 -3.91 -35.04 -7.92
N LEU B 185 -5.18 -34.78 -8.22
CA LEU B 185 -5.89 -35.59 -9.19
C LEU B 185 -5.34 -35.41 -10.60
N MET B 186 -4.77 -34.24 -10.89
CA MET B 186 -4.19 -33.97 -12.19
C MET B 186 -2.71 -34.31 -12.27
N HIS B 187 -2.15 -34.90 -11.20
CA HIS B 187 -0.75 -35.35 -11.18
C HIS B 187 0.23 -34.21 -11.45
N ILE B 188 -0.13 -33.00 -11.03
CA ILE B 188 0.74 -31.84 -11.19
C ILE B 188 0.79 -31.08 -9.87
N ASP B 189 1.85 -30.31 -9.70
CA ASP B 189 1.96 -29.36 -8.60
C ASP B 189 1.48 -28.00 -9.10
N LEU B 190 0.67 -27.31 -8.29
CA LEU B 190 0.12 -26.04 -8.73
C LEU B 190 1.21 -25.03 -9.04
N LYS B 191 2.16 -24.87 -8.12
CA LYS B 191 3.26 -23.92 -8.33
C LYS B 191 4.08 -24.27 -9.56
N LYS B 192 4.48 -25.54 -9.67
CA LYS B 192 5.34 -25.95 -10.78
C LYS B 192 4.64 -25.80 -12.11
N GLN B 193 3.39 -26.26 -12.21
CA GLN B 193 2.66 -26.16 -13.46
C GLN B 193 2.40 -24.72 -13.85
N ALA B 194 2.03 -23.87 -12.88
CA ALA B 194 1.81 -22.46 -13.19
C ALA B 194 3.08 -21.79 -13.66
N VAL B 195 4.21 -22.09 -13.01
CA VAL B 195 5.49 -21.50 -13.41
C VAL B 195 5.86 -21.97 -14.81
N LYS B 196 5.67 -23.26 -15.10
CA LYS B 196 6.01 -23.76 -16.44
C LYS B 196 5.12 -23.14 -17.51
N THR B 197 3.82 -22.99 -17.23
CA THR B 197 2.93 -22.38 -18.21
C THR B 197 3.28 -20.91 -18.43
N ALA B 198 3.65 -20.20 -17.35
CA ALA B 198 4.09 -18.81 -17.50
C ALA B 198 5.40 -18.72 -18.27
N LYS B 199 6.30 -19.70 -18.09
CA LYS B 199 7.55 -19.72 -18.84
C LYS B 199 7.30 -20.02 -20.32
N GLU B 200 6.27 -20.80 -20.63
CA GLU B 200 5.91 -21.02 -22.02
C GLU B 200 5.61 -19.71 -22.74
N LEU B 201 5.04 -18.75 -22.04
CA LEU B 201 4.85 -17.40 -22.54
C LEU B 201 5.99 -16.52 -22.04
N ASP B 202 6.00 -15.26 -22.51
CA ASP B 202 7.03 -14.31 -22.10
C ASP B 202 6.51 -13.51 -20.90
N MET B 203 6.58 -14.14 -19.73
CA MET B 203 6.18 -13.52 -18.48
C MET B 203 7.33 -13.37 -17.50
N ILE B 204 8.06 -14.47 -17.26
CA ILE B 204 9.14 -14.43 -16.23
C ILE B 204 10.51 -14.51 -16.92
N PRO B 205 11.18 -13.38 -17.24
CA PRO B 205 12.51 -13.43 -17.82
C PRO B 205 13.52 -13.81 -16.76
N VAL B 206 14.64 -14.41 -17.18
CA VAL B 206 15.72 -14.78 -16.22
C VAL B 206 16.37 -13.49 -15.70
N PRO B 207 16.96 -13.46 -14.49
CA PRO B 207 17.64 -12.27 -14.00
C PRO B 207 18.73 -11.91 -14.98
N VAL B 208 18.88 -10.62 -15.30
CA VAL B 208 19.88 -10.21 -16.35
C VAL B 208 21.01 -9.41 -15.69
N ILE B 209 22.22 -9.53 -16.22
CA ILE B 209 23.33 -8.74 -15.71
C ILE B 209 23.04 -7.26 -15.96
N VAL B 210 22.78 -6.51 -14.88
CA VAL B 210 22.50 -5.09 -15.02
C VAL B 210 23.79 -4.36 -15.39
N ALA B 211 23.66 -3.40 -16.30
CA ALA B 211 24.79 -2.63 -16.79
C ALA B 211 24.85 -1.31 -16.03
N SER B 212 25.98 -1.06 -15.36
CA SER B 212 26.09 0.12 -14.50
C SER B 212 27.35 0.91 -14.80
N THR B 213 27.63 1.92 -13.99
CA THR B 213 28.81 2.77 -14.17
C THR B 213 29.75 2.58 -12.99
N HIS B 214 31.01 2.32 -13.28
CA HIS B 214 32.06 2.18 -12.28
C HIS B 214 33.06 3.32 -12.44
N PHE B 215 33.42 3.96 -11.33
CA PHE B 215 34.21 5.18 -11.36
C PHE B 215 35.68 4.83 -11.11
N TYR B 216 36.33 4.33 -12.16
CA TYR B 216 37.73 3.95 -12.07
C TYR B 216 38.62 5.19 -12.05
N THR B 217 39.71 5.12 -11.31
CA THR B 217 40.66 6.22 -11.20
C THR B 217 41.93 5.86 -11.95
N ILE B 218 42.36 6.75 -12.84
CA ILE B 218 43.55 6.52 -13.64
C ILE B 218 44.78 6.78 -12.79
N ASN B 219 45.68 5.81 -12.75
CA ASN B 219 46.95 5.94 -12.05
C ASN B 219 48.06 6.30 -13.03
N ASP B 220 49.13 6.86 -12.50
CA ASP B 220 50.24 7.28 -13.34
C ASP B 220 50.91 6.08 -14.00
N GLY B 221 51.34 6.25 -15.25
CA GLY B 221 51.96 5.18 -16.00
C GLY B 221 51.01 4.33 -16.82
N SER B 222 49.71 4.55 -16.70
CA SER B 222 48.74 3.77 -17.46
C SER B 222 48.81 4.11 -18.94
N SER B 223 48.56 3.11 -19.79
CA SER B 223 48.57 3.32 -21.22
C SER B 223 47.44 4.25 -21.68
N LEU B 224 46.38 4.38 -20.88
CA LEU B 224 45.29 5.29 -21.22
C LEU B 224 45.71 6.75 -21.12
N ILE B 225 46.80 7.04 -20.41
CA ILE B 225 47.28 8.41 -20.29
C ILE B 225 47.83 8.87 -21.63
N GLY B 226 47.47 10.09 -22.03
CA GLY B 226 47.89 10.64 -23.30
C GLY B 226 46.97 10.35 -24.46
N GLN B 227 45.81 9.75 -24.22
CA GLN B 227 44.83 9.46 -25.25
C GLN B 227 43.50 10.13 -24.92
N THR B 228 42.78 10.53 -25.96
CA THR B 228 41.51 11.22 -25.78
C THR B 228 40.43 10.26 -25.31
N LEU B 229 39.42 10.83 -24.67
CA LEU B 229 38.29 10.04 -24.20
C LEU B 229 37.56 9.38 -25.36
N GLY B 230 37.40 10.10 -26.47
CA GLY B 230 36.79 9.51 -27.65
C GLY B 230 37.61 8.36 -28.21
N THR B 231 38.93 8.50 -28.22
CA THR B 231 39.79 7.42 -28.68
C THR B 231 39.64 6.18 -27.80
N VAL B 232 39.60 6.37 -26.48
CA VAL B 232 39.46 5.22 -25.58
C VAL B 232 38.07 4.60 -25.74
N ASN B 233 37.04 5.42 -25.89
CA ASN B 233 35.68 4.90 -26.07
C ASN B 233 35.58 4.09 -27.35
N THR B 234 36.21 4.56 -28.43
CA THR B 234 36.22 3.79 -29.67
C THR B 234 37.02 2.51 -29.53
N LYS B 235 38.12 2.55 -28.76
CA LYS B 235 38.92 1.34 -28.57
C LYS B 235 38.20 0.30 -27.73
N PHE B 236 37.30 0.73 -26.85
CA PHE B 236 36.53 -0.22 -26.06
C PHE B 236 35.54 -0.98 -26.92
N ALA B 237 35.31 -2.24 -26.57
CA ALA B 237 34.40 -3.10 -27.30
C ALA B 237 32.95 -2.78 -26.95
N LYS B 238 32.03 -3.53 -27.54
CA LYS B 238 30.61 -3.33 -27.26
C LYS B 238 30.32 -3.63 -25.80
N GLY B 239 29.42 -2.85 -25.21
CA GLY B 239 29.11 -2.99 -23.81
C GLY B 239 30.04 -2.27 -22.87
N LEU B 240 30.95 -1.45 -23.38
CA LEU B 240 31.87 -0.67 -22.55
C LEU B 240 31.93 0.74 -23.13
N VAL B 241 31.22 1.67 -22.52
CA VAL B 241 31.21 3.06 -22.96
C VAL B 241 31.89 3.93 -21.90
N ALA B 242 32.79 4.80 -22.36
CA ALA B 242 33.44 5.75 -21.46
C ALA B 242 32.50 6.93 -21.26
N ALA B 243 31.98 7.09 -20.04
CA ALA B 243 30.96 8.10 -19.78
C ALA B 243 31.55 9.48 -19.52
N GLY B 244 32.87 9.63 -19.49
CA GLY B 244 33.47 10.94 -19.39
C GLY B 244 34.47 11.12 -18.26
N LEU B 245 35.59 11.78 -18.56
CA LEU B 245 36.56 12.11 -17.53
C LEU B 245 36.00 13.14 -16.57
N ASN B 246 36.33 12.97 -15.28
CA ASN B 246 35.84 13.83 -14.20
C ASN B 246 34.31 13.86 -14.28
N ASP B 247 33.68 15.03 -14.35
CA ASP B 247 32.23 15.14 -14.46
C ASP B 247 31.80 15.68 -15.82
N SER B 248 32.70 15.70 -16.80
CA SER B 248 32.41 16.24 -18.12
C SER B 248 32.36 15.12 -19.15
N ALA B 249 31.36 15.17 -20.02
CA ALA B 249 31.15 14.16 -21.04
C ALA B 249 31.73 14.54 -22.40
N ASP B 250 32.53 15.60 -22.46
CA ASP B 250 33.12 16.01 -23.74
C ASP B 250 34.05 14.94 -24.27
N MET B 251 34.09 14.83 -25.60
CA MET B 251 34.78 13.73 -26.27
C MET B 251 36.23 14.06 -26.63
N ALA B 252 36.69 15.28 -26.37
CA ALA B 252 38.02 15.71 -26.80
C ALA B 252 39.04 15.83 -25.69
N SER B 253 38.63 15.70 -24.42
CA SER B 253 39.57 15.83 -23.32
C SER B 253 40.54 14.66 -23.29
N VAL B 254 41.79 14.94 -22.92
CA VAL B 254 42.82 13.92 -22.81
C VAL B 254 42.82 13.37 -21.39
N ILE B 255 43.26 12.13 -21.25
CA ILE B 255 43.30 11.45 -19.94
C ILE B 255 44.64 11.78 -19.29
N ASN B 256 44.63 12.78 -18.41
CA ASN B 256 45.80 13.08 -17.60
C ASN B 256 45.71 12.35 -16.27
N ALA B 257 46.87 12.21 -15.62
CA ALA B 257 46.94 11.45 -14.37
C ALA B 257 46.10 12.11 -13.29
N GLY B 258 45.44 11.28 -12.48
CA GLY B 258 44.60 11.76 -11.41
C GLY B 258 43.14 11.98 -11.78
N ASP B 259 42.73 11.58 -12.97
CA ASP B 259 41.36 11.76 -13.43
C ASP B 259 40.57 10.47 -13.26
N VAL B 260 39.26 10.63 -13.06
CA VAL B 260 38.36 9.48 -12.97
C VAL B 260 37.77 9.23 -14.35
N LEU B 261 37.88 8.00 -14.82
CA LEU B 261 37.40 7.56 -16.12
C LEU B 261 36.23 6.62 -15.88
N ALA B 262 35.03 7.18 -15.73
CA ALA B 262 33.84 6.37 -15.50
C ALA B 262 33.59 5.48 -16.70
N ILE B 263 33.34 4.19 -16.44
CA ILE B 263 33.11 3.21 -17.48
C ILE B 263 31.77 2.54 -17.21
N SER B 264 30.91 2.50 -18.22
CA SER B 264 29.56 1.97 -18.08
C SER B 264 29.41 0.74 -18.96
N GLY B 265 28.66 -0.24 -18.45
CA GLY B 265 28.35 -1.44 -19.18
C GLY B 265 28.22 -2.64 -18.25
N GLY B 266 28.41 -3.82 -18.84
CA GLY B 266 28.26 -5.07 -18.11
C GLY B 266 29.45 -5.38 -17.22
N ILE B 267 29.17 -6.18 -16.19
CA ILE B 267 30.16 -6.42 -15.14
C ILE B 267 31.34 -7.21 -15.69
N ASP B 268 31.08 -8.28 -16.45
CA ASP B 268 32.17 -9.12 -16.92
C ASP B 268 33.05 -8.38 -17.93
N GLU B 269 32.42 -7.62 -18.84
CA GLU B 269 33.20 -6.86 -19.82
C GLU B 269 34.02 -5.78 -19.14
N ILE B 270 33.43 -5.08 -18.16
CA ILE B 270 34.18 -4.09 -17.41
C ILE B 270 35.35 -4.75 -16.68
N GLY B 271 35.12 -5.95 -16.13
CA GLY B 271 36.21 -6.65 -15.47
C GLY B 271 37.33 -7.04 -16.41
N ARG B 272 36.98 -7.46 -17.63
CA ARG B 272 38.01 -7.77 -18.62
C ARG B 272 38.83 -6.52 -18.97
N ALA B 273 38.15 -5.38 -19.15
CA ALA B 273 38.87 -4.14 -19.41
C ALA B 273 39.77 -3.76 -18.23
N VAL B 274 39.28 -3.99 -17.01
CA VAL B 274 40.06 -3.70 -15.81
C VAL B 274 41.31 -4.55 -15.76
N GLN B 275 41.16 -5.85 -16.05
CA GLN B 275 42.34 -6.71 -16.11
C GLN B 275 43.29 -6.28 -17.22
N GLU B 276 42.76 -5.77 -18.32
CA GLU B 276 43.61 -5.35 -19.42
C GLU B 276 44.45 -4.12 -19.05
N PHE B 277 43.83 -3.11 -18.44
CA PHE B 277 44.50 -1.83 -18.21
C PHE B 277 44.98 -1.64 -16.77
N ASN B 278 44.75 -2.60 -15.88
CA ASN B 278 45.18 -2.51 -14.49
C ASN B 278 44.63 -1.25 -13.81
N LEU B 279 43.34 -1.00 -13.99
CA LEU B 279 42.71 0.17 -13.41
C LEU B 279 42.31 -0.09 -11.96
N LEU B 280 42.28 0.99 -11.17
CA LEU B 280 41.95 0.94 -9.76
C LEU B 280 40.56 1.53 -9.53
N GLU B 281 39.69 0.77 -8.88
CA GLU B 281 38.31 1.21 -8.69
C GLU B 281 38.22 2.13 -7.48
N VAL B 282 37.45 3.20 -7.62
CA VAL B 282 37.25 4.18 -6.56
C VAL B 282 35.77 4.53 -6.50
N THR B 283 35.20 4.55 -5.30
CA THR B 283 33.79 4.89 -5.11
C THR B 283 33.63 6.40 -5.24
N GLY B 284 33.66 6.88 -6.48
CA GLY B 284 33.56 8.30 -6.78
C GLY B 284 32.27 8.93 -6.28
N LYS B 285 32.38 10.10 -5.66
CA LYS B 285 31.23 10.83 -5.12
C LYS B 285 30.78 11.84 -6.17
N THR B 286 29.91 11.39 -7.06
CA THR B 286 29.37 12.24 -8.12
C THR B 286 27.91 11.92 -8.35
N LYS B 287 27.09 12.95 -8.51
CA LYS B 287 25.68 12.81 -8.82
C LYS B 287 25.36 13.16 -10.27
N ALA B 288 26.38 13.32 -11.12
CA ALA B 288 26.19 13.71 -12.51
C ALA B 288 26.07 12.52 -13.44
N TYR B 289 26.12 11.29 -12.94
CA TYR B 289 25.99 10.09 -13.74
C TYR B 289 24.74 9.35 -13.29
N VAL B 290 23.84 9.05 -14.24
CA VAL B 290 22.53 8.53 -13.90
C VAL B 290 22.06 7.59 -15.01
N SER B 291 21.08 6.75 -14.66
CA SER B 291 20.38 5.90 -15.61
C SER B 291 18.92 6.32 -15.66
N LYS B 292 18.44 6.66 -16.84
CA LYS B 292 17.07 7.08 -17.06
C LYS B 292 16.36 6.06 -17.95
N GLN B 293 15.04 5.98 -17.81
CA GLN B 293 14.20 5.11 -18.62
C GLN B 293 13.41 5.97 -19.59
N VAL B 294 13.61 5.73 -20.89
CA VAL B 294 13.02 6.55 -21.94
C VAL B 294 12.04 5.70 -22.72
N VAL B 295 10.78 6.15 -22.76
CA VAL B 295 9.78 5.57 -23.64
C VAL B 295 9.96 6.18 -25.01
N LEU B 296 10.20 5.31 -26.01
CA LEU B 296 10.42 5.76 -27.37
C LEU B 296 9.18 6.43 -27.94
N LYS B 297 9.39 7.47 -28.74
CA LYS B 297 8.30 8.18 -29.38
C LYS B 297 7.77 7.39 -30.57
N LYS B 298 6.74 7.94 -31.22
CA LYS B 298 6.12 7.25 -32.35
C LYS B 298 7.05 7.15 -33.54
N ASN B 299 8.01 8.08 -33.67
CA ASN B 299 8.94 8.12 -34.79
C ASN B 299 10.37 8.21 -34.28
N PHE B 300 10.71 7.35 -33.34
CA PHE B 300 12.07 7.33 -32.79
C PHE B 300 13.07 7.02 -33.90
N SER B 301 14.15 7.78 -33.93
CA SER B 301 15.16 7.65 -34.97
C SER B 301 16.15 6.54 -34.63
N ALA B 302 16.47 5.72 -35.63
CA ALA B 302 17.46 4.68 -35.41
C ALA B 302 18.87 5.25 -35.37
N ASP B 303 19.12 6.36 -36.05
CA ASP B 303 20.46 6.94 -36.10
C ASP B 303 20.90 7.42 -34.73
N VAL B 304 20.03 8.11 -34.00
CA VAL B 304 20.40 8.61 -32.68
C VAL B 304 20.59 7.46 -31.70
N LEU B 305 19.76 6.41 -31.82
CA LEU B 305 19.93 5.24 -30.97
C LEU B 305 21.27 4.54 -31.25
N LYS B 306 21.66 4.49 -32.53
CA LYS B 306 22.94 3.88 -32.88
C LYS B 306 24.11 4.72 -32.40
N ASN B 307 24.00 6.04 -32.51
CA ASN B 307 25.11 6.94 -32.19
C ASN B 307 25.10 7.41 -30.74
N ALA B 308 24.17 6.93 -29.91
CA ALA B 308 24.23 7.24 -28.49
C ALA B 308 25.52 6.71 -27.86
N GLN B 309 26.02 5.58 -28.34
CA GLN B 309 27.30 5.06 -27.86
C GLN B 309 28.43 6.03 -28.19
N ASP B 310 28.43 6.58 -29.41
CA ASP B 310 29.45 7.56 -29.76
C ASP B 310 29.31 8.83 -28.93
N LYS B 311 28.07 9.25 -28.66
CA LYS B 311 27.86 10.44 -27.84
C LYS B 311 28.30 10.21 -26.40
N GLY B 312 28.28 8.97 -25.94
CA GLY B 312 28.70 8.63 -24.60
C GLY B 312 27.63 8.09 -23.67
N VAL B 313 26.56 7.51 -24.22
CA VAL B 313 25.47 6.96 -23.41
C VAL B 313 25.28 5.51 -23.79
N LEU B 314 25.19 4.64 -22.80
CA LEU B 314 24.92 3.22 -23.02
C LEU B 314 23.42 3.00 -23.10
N VAL B 315 22.97 2.35 -24.17
CA VAL B 315 21.58 2.00 -24.37
C VAL B 315 21.38 0.55 -23.95
N ALA B 316 20.29 0.29 -23.23
CA ALA B 316 20.02 -1.05 -22.73
C ALA B 316 18.52 -1.28 -22.73
N THR B 317 18.14 -2.54 -22.54
CA THR B 317 16.72 -2.87 -22.41
C THR B 317 16.20 -2.37 -21.06
N LEU B 318 14.88 -2.44 -20.90
CA LEU B 318 14.27 -1.97 -19.67
C LEU B 318 14.72 -2.79 -18.47
N ALA B 319 15.06 -4.07 -18.69
CA ALA B 319 15.54 -4.90 -17.59
C ALA B 319 16.85 -4.37 -17.02
N GLY B 320 17.76 -3.94 -17.89
CA GLY B 320 19.02 -3.38 -17.46
C GLY B 320 20.22 -3.90 -18.23
N ASP B 321 20.06 -5.04 -18.91
CA ASP B 321 21.14 -5.63 -19.66
C ASP B 321 21.37 -4.88 -20.96
N VAL B 322 22.65 -4.75 -21.34
CA VAL B 322 22.99 -4.07 -22.58
C VAL B 322 22.47 -4.87 -23.78
N MET B 323 22.08 -4.17 -24.83
CA MET B 323 21.47 -4.78 -26.00
C MET B 323 22.40 -4.67 -27.21
N ASP B 324 22.27 -5.62 -28.13
CA ASP B 324 23.11 -5.64 -29.32
C ASP B 324 22.71 -4.52 -30.28
N PRO B 325 23.69 -3.91 -30.97
CA PRO B 325 23.35 -2.84 -31.92
C PRO B 325 22.39 -3.28 -33.02
N ALA B 326 22.44 -4.54 -33.45
CA ALA B 326 21.52 -5.00 -34.46
C ALA B 326 20.07 -4.96 -33.96
N GLN B 327 19.88 -5.01 -32.64
CA GLN B 327 18.54 -4.89 -32.07
C GLN B 327 17.98 -3.48 -32.23
N PHE B 328 18.84 -2.48 -32.51
CA PHE B 328 18.37 -1.10 -32.61
C PHE B 328 17.30 -0.94 -33.69
N SER B 329 17.52 -1.54 -34.86
CA SER B 329 16.53 -1.47 -35.92
C SER B 329 15.27 -2.25 -35.57
N THR B 330 15.40 -3.33 -34.81
CA THR B 330 14.25 -4.15 -34.45
C THR B 330 13.36 -3.46 -33.41
N LEU B 331 13.85 -2.43 -32.74
CA LEU B 331 13.04 -1.74 -31.74
CA LYS B 338 9.54 -0.32 -32.14
C LYS B 338 9.06 0.75 -31.16
N PRO B 339 8.17 1.64 -31.61
CA PRO B 339 7.63 2.65 -30.69
C PRO B 339 6.87 2.01 -29.54
N ALA B 340 6.77 2.77 -28.45
CA ALA B 340 6.18 2.40 -27.17
C ALA B 340 7.06 1.43 -26.37
N GLU B 341 8.25 1.09 -26.85
CA GLU B 341 9.20 0.28 -26.10
C GLU B 341 10.10 1.18 -25.27
N SER B 342 10.40 0.75 -24.06
CA SER B 342 11.13 1.56 -23.08
C SER B 342 12.58 1.14 -23.04
N VAL B 343 13.46 1.98 -23.60
CA VAL B 343 14.91 1.78 -23.52
C VAL B 343 15.42 2.41 -22.24
N THR B 344 16.66 2.10 -21.88
CA THR B 344 17.31 2.69 -20.71
C THR B 344 18.63 3.32 -21.16
N LEU B 345 18.81 4.60 -20.85
CA LEU B 345 20.01 5.34 -21.20
C LEU B 345 20.82 5.57 -19.93
N VAL B 346 22.07 5.13 -19.93
CA VAL B 346 22.94 5.22 -18.76
C VAL B 346 24.16 6.05 -19.13
N GLY B 347 24.47 7.04 -18.30
CA GLY B 347 25.69 7.81 -18.53
C GLY B 347 25.62 9.18 -17.89
N GLN B 348 26.43 10.08 -18.43
CA GLN B 348 26.53 11.45 -17.92
C GLN B 348 25.20 12.17 -18.06
N LYS B 349 24.96 13.13 -17.16
CA LYS B 349 23.69 13.85 -17.15
C LYS B 349 23.46 14.60 -18.46
N ASP B 350 24.47 15.33 -18.93
CA ASP B 350 24.31 16.14 -20.13
C ASP B 350 24.04 15.28 -21.36
N ALA B 351 24.73 14.15 -21.47
CA ALA B 351 24.55 13.28 -22.63
C ALA B 351 23.27 12.46 -22.55
N VAL B 352 22.82 12.11 -21.34
CA VAL B 352 21.58 11.34 -21.22
C VAL B 352 20.35 12.23 -21.36
N SER B 353 20.46 13.52 -21.07
CA SER B 353 19.33 14.42 -21.17
C SER B 353 19.12 14.96 -22.58
N GLU B 354 19.99 14.59 -23.53
CA GLU B 354 19.85 14.99 -24.93
C GLU B 354 19.38 13.85 -25.82
N VAL B 355 19.99 12.67 -25.69
CA VAL B 355 19.52 11.50 -26.45
C VAL B 355 18.10 11.14 -26.01
N GLN B 356 17.80 11.30 -24.72
CA GLN B 356 16.42 11.15 -24.26
C GLN B 356 15.51 12.18 -24.92
N SER B 357 15.99 13.42 -25.06
CA SER B 357 15.19 14.45 -25.70
C SER B 357 14.90 14.11 -27.16
N GLN B 358 15.82 13.43 -27.83
CA GLN B 358 15.61 13.03 -29.22
C GLN B 358 15.01 11.63 -29.37
N LEU B 359 14.78 10.90 -28.28
CA LEU B 359 14.26 9.54 -28.38
C LEU B 359 12.84 9.36 -27.86
N GLY B 360 12.36 10.25 -27.01
CA GLY B 360 11.02 10.08 -26.44
C GLY B 360 10.90 10.84 -25.14
N ARG B 361 10.24 10.22 -24.16
CA ARG B 361 9.95 10.87 -22.89
C ARG B 361 10.20 9.94 -21.72
N LEU B 362 10.52 10.51 -20.56
CA LEU B 362 10.88 9.71 -19.40
C LEU B 362 9.71 8.87 -18.91
N ARG B 363 10.00 7.62 -18.55
CA ARG B 363 9.01 6.72 -17.98
C ARG B 363 8.86 6.99 -16.49
N ALA B 364 7.61 6.96 -16.02
CA ALA B 364 7.33 7.20 -14.61
C ALA B 364 7.72 5.99 -13.77
N ALA B 365 8.33 6.25 -12.62
CA ALA B 365 8.76 5.19 -11.73
C ALA B 365 7.58 4.52 -11.05
N GLU B 366 7.78 3.27 -10.63
CA GLU B 366 6.71 2.50 -10.01
C GLU B 366 6.42 2.93 -8.58
N ASN B 367 7.41 3.50 -7.89
CA ASN B 367 7.21 3.84 -6.48
C ASN B 367 6.18 4.95 -6.30
N ILE B 368 6.08 5.87 -7.26
CA ILE B 368 5.12 6.96 -7.17
C ILE B 368 3.71 6.42 -7.37
N ILE B 369 2.77 6.89 -6.56
CA ILE B 369 1.38 6.43 -6.57
C ILE B 369 0.53 7.47 -7.29
N ASN B 370 -0.33 7.02 -8.20
CA ASN B 370 -1.22 7.90 -8.96
C ASN B 370 -2.59 7.90 -8.29
N TYR B 371 -2.77 8.84 -7.35
CA TYR B 371 -4.02 8.91 -6.60
C TYR B 371 -5.19 9.24 -7.49
N SER B 372 -5.00 10.16 -8.44
CA SER B 372 -6.08 10.50 -9.36
C SER B 372 -6.48 9.32 -10.21
N TRP B 373 -5.50 8.55 -10.69
CA TRP B 373 -5.78 7.37 -11.49
C TRP B 373 -6.58 6.35 -10.68
N PHE B 374 -6.15 6.09 -9.44
CA PHE B 374 -6.86 5.12 -8.61
C PHE B 374 -8.29 5.57 -8.30
N ALA B 375 -8.46 6.85 -7.95
CA ALA B 375 -9.78 7.36 -7.62
C ALA B 375 -10.71 7.33 -8.83
N LEU B 376 -10.19 7.72 -10.00
CA LEU B 376 -11.01 7.65 -11.21
C LEU B 376 -11.38 6.22 -11.54
N GLY B 377 -10.46 5.28 -11.35
CA GLY B 377 -10.79 3.88 -11.57
C GLY B 377 -11.92 3.41 -10.66
N ILE B 378 -11.87 3.76 -9.38
CA ILE B 378 -12.92 3.35 -8.45
C ILE B 378 -14.25 3.99 -8.82
N ALA B 379 -14.24 5.28 -9.14
CA ALA B 379 -15.48 5.96 -9.49
C ALA B 379 -16.11 5.39 -10.75
N LEU B 380 -15.30 5.13 -11.78
CA LEU B 380 -15.82 4.52 -13.00
C LEU B 380 -16.30 3.10 -12.73
N SER B 381 -15.64 2.37 -11.83
CA SER B 381 -16.12 1.03 -11.49
C SER B 381 -17.53 1.10 -10.89
N ALA B 382 -17.75 2.04 -9.96
CA ALA B 382 -19.08 2.18 -9.38
C ALA B 382 -20.12 2.60 -10.43
N ALA B 383 -19.75 3.57 -11.26
CA ALA B 383 -20.68 4.06 -12.28
C ALA B 383 -21.05 2.96 -13.28
N LEU B 384 -20.09 2.12 -13.65
CA LEU B 384 -20.36 1.04 -14.57
C LEU B 384 -21.15 -0.08 -13.90
N GLY B 385 -20.89 -0.33 -12.60
CA GLY B 385 -21.69 -1.33 -11.89
C GLY B 385 -23.13 -0.91 -11.74
N ILE B 386 -23.40 0.40 -11.79
CA ILE B 386 -24.79 0.85 -11.82
C ILE B 386 -25.53 0.32 -13.04
N VAL B 387 -24.84 0.23 -14.18
CA VAL B 387 -25.49 -0.14 -15.44
C VAL B 387 -26.11 -1.53 -15.34
N GLY B 388 -27.31 -1.68 -15.91
CA GLY B 388 -27.99 -2.95 -15.95
C GLY B 388 -29.15 -2.92 -16.92
N THR B 389 -29.75 -4.09 -17.12
CA THR B 389 -30.89 -4.23 -18.02
C THR B 389 -31.71 -5.43 -17.60
N LYS B 390 -32.95 -5.50 -18.09
CA LYS B 390 -33.86 -6.58 -17.76
C LYS B 390 -34.08 -7.48 -18.97
N VAL B 391 -34.03 -8.79 -18.75
CA VAL B 391 -34.27 -9.79 -19.79
C VAL B 391 -35.38 -10.70 -19.30
N SER B 392 -36.47 -10.77 -20.07
CA SER B 392 -37.63 -11.62 -19.75
C SER B 392 -38.16 -11.34 -18.35
N GLY B 393 -38.16 -10.07 -17.95
CA GLY B 393 -38.63 -9.69 -16.64
C GLY B 393 -37.67 -9.94 -15.51
N VAL B 394 -36.46 -10.42 -15.80
CA VAL B 394 -35.45 -10.72 -14.80
C VAL B 394 -34.36 -9.66 -14.89
N PRO B 395 -34.10 -8.90 -13.84
CA PRO B 395 -33.06 -7.87 -13.91
C PRO B 395 -31.67 -8.46 -13.74
N ILE B 396 -30.75 -8.03 -14.60
CA ILE B 396 -29.34 -8.40 -14.53
C ILE B 396 -28.53 -7.12 -14.64
N ALA B 397 -27.30 -7.18 -14.13
CA ALA B 397 -26.39 -6.05 -14.20
C ALA B 397 -24.97 -6.58 -14.20
N LEU B 398 -24.04 -5.71 -14.61
CA LEU B 398 -22.64 -6.08 -14.55
C LEU B 398 -22.21 -6.38 -13.12
N GLY B 399 -22.66 -5.57 -12.18
CA GLY B 399 -22.32 -5.77 -10.78
C GLY B 399 -20.92 -5.26 -10.46
N GLY B 400 -20.65 -5.19 -9.15
CA GLY B 400 -19.39 -4.64 -8.71
C GLY B 400 -18.19 -5.41 -9.26
N GLY B 401 -18.25 -6.74 -9.19
CA GLY B 401 -17.15 -7.55 -9.65
C GLY B 401 -16.82 -7.35 -11.11
N THR B 402 -17.81 -7.54 -11.99
CA THR B 402 -17.54 -7.43 -13.42
C THR B 402 -17.19 -6.01 -13.82
N ALA B 403 -17.89 -5.01 -13.27
CA ALA B 403 -17.60 -3.63 -13.64
C ALA B 403 -16.19 -3.24 -13.21
N SER B 404 -15.81 -3.59 -11.97
CA SER B 404 -14.48 -3.26 -11.48
C SER B 404 -13.42 -4.00 -12.27
N LEU B 405 -13.67 -5.26 -12.63
CA LEU B 405 -12.71 -6.02 -13.42
C LEU B 405 -12.49 -5.37 -14.79
N ILE B 406 -13.57 -4.98 -15.45
CA ILE B 406 -13.45 -4.37 -16.77
C ILE B 406 -12.74 -3.02 -16.68
N VAL B 407 -13.10 -2.21 -15.68
CA VAL B 407 -12.47 -0.90 -15.52
C VAL B 407 -10.97 -1.05 -15.25
N GLY B 408 -10.61 -1.98 -14.36
CA GLY B 408 -9.20 -2.23 -14.11
C GLY B 408 -8.47 -2.70 -15.34
N LEU B 409 -9.08 -3.60 -16.12
CA LEU B 409 -8.44 -4.09 -17.33
C LEU B 409 -8.16 -2.94 -18.29
N VAL B 410 -9.18 -2.13 -18.59
CA VAL B 410 -9.00 -1.08 -19.59
C VAL B 410 -8.05 -0.01 -19.08
N GLN B 411 -8.10 0.31 -17.78
CA GLN B 411 -7.20 1.31 -17.23
C GLN B 411 -5.75 0.86 -17.28
N SER B 412 -5.49 -0.40 -16.89
CA SER B 412 -4.13 -0.90 -16.94
C SER B 412 -3.62 -1.00 -18.37
N ILE B 413 -4.48 -1.39 -19.31
CA ILE B 413 -4.07 -1.46 -20.71
C ILE B 413 -3.70 -0.07 -21.22
N TYR B 414 -4.52 0.94 -20.90
CA TYR B 414 -4.22 2.29 -21.34
C TYR B 414 -2.90 2.79 -20.72
N ARG B 415 -2.70 2.52 -19.43
CA ARG B 415 -1.45 2.95 -18.79
C ARG B 415 -0.24 2.25 -19.39
N ASP B 416 -0.38 0.96 -19.72
CA ASP B 416 0.72 0.25 -20.36
C ASP B 416 1.00 0.81 -21.75
N LYS B 417 -0.04 1.21 -22.47
CA LYS B 417 0.17 1.80 -23.79
C LYS B 417 0.88 3.15 -23.69
N HIS B 418 0.46 4.00 -22.75
CA HIS B 418 1.11 5.29 -22.52
C HIS B 418 1.73 5.27 -21.14
N ALA B 419 3.03 5.00 -21.06
CA ALA B 419 3.72 4.77 -19.81
C ALA B 419 4.30 6.04 -19.18
N HIS B 420 4.09 7.21 -19.80
CA HIS B 420 4.64 8.43 -19.21
C HIS B 420 3.91 8.84 -17.93
N MET B 421 2.72 8.32 -17.69
CA MET B 421 1.96 8.61 -16.48
C MET B 421 2.29 7.60 -15.39
N ASP B 422 2.11 8.02 -14.14
CA ASP B 422 2.43 7.17 -13.01
C ASP B 422 1.37 6.09 -12.82
N THR B 423 1.72 5.08 -12.04
CA THR B 423 0.85 3.92 -11.82
C THR B 423 0.81 3.53 -10.36
N ILE B 424 -0.25 2.82 -9.99
CA ILE B 424 -0.41 2.35 -8.61
C ILE B 424 0.60 1.23 -8.35
N PRO B 425 1.34 1.27 -7.23
CA PRO B 425 2.37 0.25 -6.99
C PRO B 425 1.79 -1.14 -6.80
N ASP B 426 2.63 -2.13 -7.14
CA ASP B 426 2.21 -3.52 -7.04
C ASP B 426 2.05 -3.97 -5.59
N SER B 427 2.86 -3.42 -4.67
CA SER B 427 2.68 -3.75 -3.26
C SER B 427 1.31 -3.28 -2.76
N LEU B 428 0.92 -2.06 -3.13
CA LEU B 428 -0.41 -1.57 -2.76
C LEU B 428 -1.50 -2.41 -3.40
N LEU B 429 -1.32 -2.79 -4.67
CA LEU B 429 -2.33 -3.63 -5.32
C LEU B 429 -2.45 -4.97 -4.61
N GLU B 430 -1.32 -5.57 -4.22
CA GLU B 430 -1.36 -6.84 -3.50
C GLU B 430 -2.05 -6.71 -2.15
N PHE B 431 -1.75 -5.63 -1.41
CA PHE B 431 -2.38 -5.44 -0.12
C PHE B 431 -3.90 -5.28 -0.28
N PHE B 432 -4.33 -4.53 -1.29
CA PHE B 432 -5.77 -4.37 -1.51
C PHE B 432 -6.40 -5.69 -1.94
N GLN B 433 -5.73 -6.44 -2.81
CA GLN B 433 -6.25 -7.75 -3.23
C GLN B 433 -6.41 -8.68 -2.04
N SER B 434 -5.50 -8.60 -1.08
CA SER B 434 -5.58 -9.49 0.08
C SER B 434 -6.66 -9.03 1.06
N ILE B 435 -6.58 -7.79 1.52
CA ILE B 435 -7.46 -7.35 2.60
C ILE B 435 -8.88 -7.11 2.10
N GLY B 436 -9.05 -6.76 0.83
CA GLY B 436 -10.39 -6.45 0.34
C GLY B 436 -11.32 -7.65 0.35
N LEU B 437 -10.84 -8.79 -0.15
CA LEU B 437 -11.67 -9.99 -0.16
C LEU B 437 -11.87 -10.54 1.25
N ASN B 438 -10.81 -10.49 2.07
CA ASN B 438 -10.92 -11.03 3.42
C ASN B 438 -11.88 -10.24 4.28
N LEU B 439 -11.91 -8.91 4.12
CA LEU B 439 -12.87 -8.10 4.86
C LEU B 439 -14.30 -8.43 4.45
N PHE B 440 -14.53 -8.62 3.14
CA PHE B 440 -15.86 -9.00 2.68
C PHE B 440 -16.27 -10.36 3.23
N ILE B 441 -15.34 -11.32 3.25
CA ILE B 441 -15.64 -12.64 3.79
C ILE B 441 -15.97 -12.53 5.28
N ALA B 442 -15.20 -11.73 6.02
CA ALA B 442 -15.48 -11.55 7.44
C ALA B 442 -16.85 -10.93 7.65
N THR B 443 -17.21 -9.92 6.84
CA THR B 443 -18.51 -9.27 7.01
C THR B 443 -19.64 -10.24 6.75
N VAL B 444 -19.56 -11.02 5.66
CA VAL B 444 -20.65 -11.93 5.35
C VAL B 444 -20.72 -13.07 6.37
N GLY B 445 -19.57 -13.54 6.86
CA GLY B 445 -19.58 -14.58 7.87
C GLY B 445 -20.16 -14.11 9.18
N LEU B 446 -19.82 -12.88 9.59
CA LEU B 446 -20.41 -12.30 10.80
C LEU B 446 -21.89 -12.08 10.62
N SER B 447 -22.32 -11.67 9.42
CA SER B 447 -23.74 -11.45 9.17
C SER B 447 -24.53 -12.75 9.25
N ALA B 448 -23.95 -13.86 8.77
CA ALA B 448 -24.66 -15.14 8.75
C ALA B 448 -23.91 -16.19 9.54
N ALA B 449 -24.11 -16.20 10.86
CA ALA B 449 -23.68 -17.31 11.70
C ALA B 449 -24.81 -17.89 12.54
N LYS B 450 -25.64 -17.03 13.15
CA LYS B 450 -26.78 -17.51 13.93
C LYS B 450 -27.80 -18.20 13.03
N THR B 451 -28.04 -17.65 11.84
CA THR B 451 -28.95 -18.29 10.92
C THR B 451 -28.39 -19.63 10.45
N PHE B 452 -27.07 -19.73 10.31
CA PHE B 452 -26.44 -21.00 9.95
C PHE B 452 -26.65 -22.05 11.04
N ILE B 453 -26.37 -21.69 12.30
CA ILE B 453 -26.54 -22.68 13.35
C ILE B 453 -28.01 -23.02 13.56
N SER B 454 -28.91 -22.06 13.31
CA SER B 454 -30.34 -22.36 13.40
C SER B 454 -30.78 -23.31 12.28
N ALA B 455 -30.30 -23.09 11.06
CA ALA B 455 -30.62 -23.95 9.94
C ALA B 455 -29.91 -25.30 10.03
N ILE B 456 -28.95 -25.45 10.93
CA ILE B 456 -28.45 -26.78 11.25
C ILE B 456 -29.56 -27.62 11.89
N GLN B 457 -30.40 -27.00 12.72
CA GLN B 457 -31.45 -27.73 13.40
C GLN B 457 -32.59 -28.09 12.45
N SER B 458 -33.09 -27.11 11.70
CA SER B 458 -34.17 -27.32 10.75
C SER B 458 -33.58 -27.45 9.35
N MET B 459 -34.05 -28.46 8.60
CA MET B 459 -33.52 -28.82 7.27
C MET B 459 -31.99 -28.93 7.31
N GLY B 460 -31.49 -29.53 8.40
CA GLY B 460 -30.07 -29.49 8.68
C GLY B 460 -29.21 -30.32 7.74
N ILE B 461 -29.64 -31.54 7.44
CA ILE B 461 -28.78 -32.51 6.76
C ILE B 461 -29.10 -32.61 5.28
N SER B 462 -30.39 -32.73 4.93
CA SER B 462 -30.75 -32.93 3.52
C SER B 462 -30.35 -31.76 2.65
N VAL B 463 -30.70 -30.54 3.08
CA VAL B 463 -30.38 -29.36 2.29
C VAL B 463 -28.88 -29.15 2.20
N LEU B 464 -28.16 -29.36 3.31
CA LEU B 464 -26.71 -29.21 3.30
C LEU B 464 -26.05 -30.19 2.35
N LEU B 465 -26.50 -31.45 2.36
CA LEU B 465 -25.91 -32.45 1.47
C LEU B 465 -26.23 -32.16 0.01
N ILE B 466 -27.47 -31.77 -0.29
CA ILE B 466 -27.81 -31.44 -1.67
C ILE B 466 -27.01 -30.23 -2.14
N GLY B 467 -26.82 -29.24 -1.27
CA GLY B 467 -26.00 -28.10 -1.63
C GLY B 467 -24.56 -28.51 -1.91
N ALA B 468 -24.02 -29.40 -1.10
CA ALA B 468 -22.67 -29.91 -1.35
C ALA B 468 -22.60 -30.63 -2.70
N VAL B 469 -23.62 -31.44 -3.01
CA VAL B 469 -23.62 -32.19 -4.27
C VAL B 469 -23.65 -31.23 -5.46
N ILE B 470 -24.57 -30.25 -5.42
CA ILE B 470 -24.69 -29.28 -6.51
C ILE B 470 -23.43 -28.43 -6.61
N SER B 471 -22.72 -28.22 -5.51
CA SER B 471 -21.50 -27.42 -5.55
C SER B 471 -20.30 -28.20 -6.09
N ILE B 472 -20.23 -29.50 -5.81
CA ILE B 472 -19.05 -30.30 -6.14
C ILE B 472 -19.17 -30.98 -7.49
N LEU B 473 -20.30 -31.65 -7.74
CA LEU B 473 -20.40 -32.52 -8.92
C LEU B 473 -20.16 -31.79 -10.24
N PRO B 474 -20.71 -30.59 -10.50
CA PRO B 474 -20.41 -29.94 -11.79
C PRO B 474 -18.93 -29.72 -12.02
N HIS B 475 -18.19 -29.38 -10.96
CA HIS B 475 -16.74 -29.24 -11.09
C HIS B 475 -16.09 -30.53 -11.55
N ILE B 476 -16.52 -31.66 -10.99
CA ILE B 476 -15.92 -32.95 -11.34
C ILE B 476 -16.15 -33.29 -12.80
N ILE B 477 -17.40 -33.12 -13.28
CA ILE B 477 -17.69 -33.50 -14.65
C ILE B 477 -17.02 -32.55 -15.64
N THR B 478 -17.01 -31.26 -15.33
CA THR B 478 -16.32 -30.32 -16.22
C THR B 478 -14.82 -30.57 -16.23
N PHE B 479 -14.24 -30.95 -15.09
CA PHE B 479 -12.83 -31.32 -15.06
C PHE B 479 -12.56 -32.55 -15.90
N VAL B 480 -13.40 -33.58 -15.78
CA VAL B 480 -13.18 -34.79 -16.56
C VAL B 480 -13.26 -34.48 -18.05
N ILE B 481 -14.26 -33.71 -18.45
CA ILE B 481 -14.43 -33.36 -19.86
C ILE B 481 -13.24 -32.55 -20.37
N ALA B 482 -12.78 -31.57 -19.57
CA ALA B 482 -11.70 -30.70 -20.02
C ALA B 482 -10.36 -31.45 -20.09
N TYR B 483 -10.03 -32.22 -19.06
CA TYR B 483 -8.71 -32.81 -18.97
C TYR B 483 -8.59 -34.08 -19.79
N TYR B 484 -9.62 -34.93 -19.81
CA TYR B 484 -9.52 -36.21 -20.48
C TYR B 484 -10.01 -36.19 -21.93
N LEU B 485 -10.80 -35.19 -22.31
CA LEU B 485 -11.30 -35.10 -23.68
C LEU B 485 -10.89 -33.82 -24.38
N MET B 486 -10.93 -32.69 -23.69
CA MET B 486 -10.61 -31.40 -24.29
C MET B 486 -9.13 -31.04 -24.16
N LYS B 487 -8.35 -31.88 -23.50
CA LYS B 487 -6.89 -31.78 -23.37
C LYS B 487 -6.43 -30.34 -23.13
N MET B 488 -6.87 -29.78 -22.01
CA MET B 488 -6.43 -28.46 -21.57
C MET B 488 -5.15 -28.56 -20.74
N GLU B 489 -4.65 -27.39 -20.33
CA GLU B 489 -3.61 -27.35 -19.32
C GLU B 489 -4.23 -27.17 -17.94
N PRO B 490 -3.58 -27.69 -16.89
CA PRO B 490 -4.21 -27.69 -15.56
C PRO B 490 -4.54 -26.31 -15.02
N ILE B 491 -3.64 -25.35 -15.19
CA ILE B 491 -3.87 -24.01 -14.65
C ILE B 491 -5.05 -23.35 -15.36
N SER B 492 -5.18 -23.57 -16.67
CA SER B 492 -6.33 -23.04 -17.38
C SER B 492 -7.62 -23.69 -16.93
N ILE B 493 -7.59 -25.01 -16.68
CA ILE B 493 -8.79 -25.68 -16.17
C ILE B 493 -9.21 -25.07 -14.84
N ILE B 494 -8.25 -24.89 -13.94
CA ILE B 494 -8.56 -24.37 -12.60
C ILE B 494 -9.10 -22.94 -12.70
N GLY B 495 -8.45 -22.11 -13.52
CA GLY B 495 -8.92 -20.74 -13.67
C GLY B 495 -10.31 -20.64 -14.29
N ALA B 496 -10.56 -21.44 -15.33
CA ALA B 496 -11.87 -21.42 -15.97
C ALA B 496 -12.94 -21.88 -15.00
N GLN B 497 -12.68 -22.92 -14.21
CA GLN B 497 -13.68 -23.38 -13.25
C GLN B 497 -13.91 -22.34 -12.16
N THR B 498 -12.85 -21.71 -11.66
CA THR B 498 -13.01 -20.71 -10.61
C THR B 498 -13.82 -19.52 -11.12
N GLY B 499 -13.56 -19.08 -12.36
CA GLY B 499 -14.36 -18.02 -12.94
C GLY B 499 -15.80 -18.41 -13.18
N ALA B 500 -16.03 -19.62 -13.69
CA ALA B 500 -17.38 -20.07 -14.00
C ALA B 500 -18.23 -20.21 -12.74
N ASP B 501 -17.66 -20.76 -11.68
CA ASP B 501 -18.37 -20.88 -10.41
C ASP B 501 -18.58 -19.53 -9.74
N THR B 502 -17.86 -18.50 -10.17
CA THR B 502 -17.91 -17.17 -9.57
C THR B 502 -17.55 -17.27 -8.09
N LEU B 503 -16.41 -17.89 -7.82
CA LEU B 503 -15.90 -18.07 -6.47
C LEU B 503 -14.69 -17.17 -6.30
N SER B 504 -14.94 -15.92 -5.90
CA SER B 504 -13.86 -14.96 -5.72
C SER B 504 -12.96 -15.31 -4.55
N ALA B 505 -13.46 -16.08 -3.58
CA ALA B 505 -12.62 -16.48 -2.45
C ALA B 505 -11.47 -17.38 -2.88
N ALA B 506 -11.67 -18.18 -3.95
CA ALA B 506 -10.60 -19.05 -4.43
C ALA B 506 -9.49 -18.28 -5.12
N LEU B 507 -9.79 -17.08 -5.64
CA LEU B 507 -8.79 -16.33 -6.39
C LEU B 507 -7.58 -16.00 -5.52
N ASN B 508 -7.82 -15.46 -4.33
CA ASN B 508 -6.72 -15.07 -3.46
C ASN B 508 -5.87 -16.27 -3.05
N ASP B 509 -6.52 -17.39 -2.72
CA ASP B 509 -5.78 -18.54 -2.21
C ASP B 509 -4.98 -19.22 -3.32
N VAL B 510 -5.61 -19.42 -4.49
CA VAL B 510 -4.89 -20.05 -5.58
C VAL B 510 -3.77 -19.14 -6.08
N SER B 511 -4.00 -17.82 -6.09
CA SER B 511 -2.94 -16.91 -6.50
C SER B 511 -1.78 -16.92 -5.51
N GLU B 512 -2.07 -16.99 -4.21
CA GLU B 512 -1.00 -17.01 -3.23
C GLU B 512 -0.23 -18.32 -3.25
N ARG B 513 -0.90 -19.43 -3.60
CA ARG B 513 -0.17 -20.69 -3.75
C ARG B 513 0.66 -20.71 -5.04
N VAL B 514 0.12 -20.13 -6.11
CA VAL B 514 0.86 -20.06 -7.38
C VAL B 514 2.08 -19.17 -7.24
N GLY B 515 1.94 -18.05 -6.54
CA GLY B 515 3.00 -17.06 -6.46
C GLY B 515 2.75 -15.89 -7.41
N SER B 516 3.48 -14.81 -7.17
CA SER B 516 3.35 -13.61 -7.98
C SER B 516 3.81 -13.83 -9.42
N ASP B 517 4.53 -14.91 -9.69
CA ASP B 517 5.09 -15.13 -11.02
C ASP B 517 4.00 -15.43 -12.05
N ALA B 518 3.07 -16.34 -11.72
CA ALA B 518 2.00 -16.74 -12.63
C ALA B 518 0.62 -16.37 -12.11
N SER B 519 0.54 -15.62 -11.02
CA SER B 519 -0.74 -15.06 -10.59
C SER B 519 -1.40 -14.21 -11.69
N PRO B 520 -0.67 -13.39 -12.46
CA PRO B 520 -1.33 -12.75 -13.62
C PRO B 520 -1.92 -13.74 -14.59
N PHE B 521 -1.25 -14.87 -14.84
CA PHE B 521 -1.83 -15.86 -15.74
C PHE B 521 -3.11 -16.46 -15.15
N PHE B 522 -3.10 -16.75 -13.85
CA PHE B 522 -4.32 -17.29 -13.23
C PHE B 522 -5.46 -16.29 -13.28
N ALA B 523 -5.18 -15.02 -12.99
CA ALA B 523 -6.23 -14.00 -13.05
C ALA B 523 -6.74 -13.82 -14.47
N ALA B 524 -5.85 -13.88 -15.46
CA ALA B 524 -6.26 -13.79 -16.85
C ALA B 524 -7.15 -14.96 -17.24
N ALA B 525 -6.82 -16.16 -16.77
CA ALA B 525 -7.68 -17.30 -17.04
C ALA B 525 -9.02 -17.16 -16.34
N VAL B 526 -9.03 -16.57 -15.15
CA VAL B 526 -10.27 -16.43 -14.39
C VAL B 526 -11.20 -15.41 -15.04
N ALA B 527 -10.66 -14.30 -15.54
CA ALA B 527 -11.49 -13.14 -15.85
C ALA B 527 -12.58 -13.41 -16.88
N PRO B 528 -12.31 -13.95 -18.08
CA PRO B 528 -13.42 -14.18 -19.02
C PRO B 528 -14.45 -15.16 -18.51
N ALA B 529 -14.01 -16.17 -17.76
CA ALA B 529 -14.97 -17.10 -17.15
C ALA B 529 -15.82 -16.40 -16.11
N TYR B 530 -15.25 -15.44 -15.39
CA TYR B 530 -15.97 -14.78 -14.31
C TYR B 530 -17.20 -14.05 -14.81
N ALA B 531 -17.08 -13.31 -15.91
CA ALA B 531 -18.21 -12.51 -16.40
C ALA B 531 -19.36 -13.40 -16.84
N ILE B 532 -19.07 -14.42 -17.65
CA ILE B 532 -20.13 -15.30 -18.15
C ILE B 532 -20.74 -16.08 -17.00
N GLY B 533 -19.92 -16.55 -16.07
CA GLY B 533 -20.45 -17.24 -14.90
C GLY B 533 -21.36 -16.35 -14.08
N ASN B 534 -20.95 -15.09 -13.86
CA ASN B 534 -21.78 -14.16 -13.12
C ASN B 534 -23.13 -13.96 -13.79
N ILE B 535 -23.12 -13.70 -15.09
CA ILE B 535 -24.37 -13.43 -15.80
C ILE B 535 -25.28 -14.65 -15.77
N PHE B 536 -24.75 -15.82 -16.12
CA PHE B 536 -25.59 -17.01 -16.22
C PHE B 536 -26.05 -17.48 -14.84
N LEU B 537 -25.23 -17.32 -13.80
CA LEU B 537 -25.66 -17.70 -12.46
C LEU B 537 -26.73 -16.74 -11.96
N THR B 538 -26.62 -15.45 -12.29
CA THR B 538 -27.68 -14.51 -11.93
C THR B 538 -28.98 -14.89 -12.61
N LEU B 539 -28.91 -15.32 -13.88
CA LEU B 539 -30.11 -15.77 -14.59
C LEU B 539 -30.58 -17.16 -14.15
N MET B 540 -29.75 -17.92 -13.42
CA MET B 540 -30.07 -19.31 -13.14
C MET B 540 -31.22 -19.47 -12.16
N GLY B 541 -31.38 -18.55 -11.21
CA GLY B 541 -32.39 -18.67 -10.18
C GLY B 541 -33.83 -18.59 -10.68
N PRO B 542 -34.19 -17.49 -11.34
CA PRO B 542 -35.58 -17.31 -11.77
C PRO B 542 -36.11 -18.41 -12.67
N ILE B 543 -35.29 -18.91 -13.59
CA ILE B 543 -35.76 -19.98 -14.48
C ILE B 543 -36.03 -21.25 -13.68
N PHE B 544 -35.19 -21.54 -12.69
CA PHE B 544 -35.42 -22.69 -11.84
C PHE B 544 -36.70 -22.54 -11.02
N ILE B 545 -36.95 -21.33 -10.49
CA ILE B 545 -38.20 -21.12 -9.75
C ILE B 545 -39.40 -21.30 -10.66
N VAL B 546 -39.32 -20.76 -11.88
CA VAL B 546 -40.44 -20.87 -12.82
C VAL B 546 -40.69 -22.33 -13.19
N LEU B 547 -39.62 -23.09 -13.41
CA LEU B 547 -39.76 -24.50 -13.79
C LEU B 547 -40.33 -25.33 -12.64
N LEU B 548 -39.77 -25.18 -11.44
CA LEU B 548 -40.20 -26.02 -10.33
C LEU B 548 -41.60 -25.66 -9.86
N SER B 549 -41.92 -24.38 -9.79
CA SER B 549 -43.24 -23.96 -9.31
C SER B 549 -43.98 -23.14 -10.35
#